data_1URP
#
_entry.id   1URP
#
_cell.length_a   60.099
_cell.length_b   120.954
_cell.length_c   64.131
_cell.angle_alpha   90.00
_cell.angle_beta   90.05
_cell.angle_gamma   90.00
#
_symmetry.space_group_name_H-M   'P 1 21 1'
#
loop_
_entity.id
_entity.type
_entity.pdbx_description
1 polymer 'D-RIBOSE-BINDING PROTEIN'
2 water water
#
_entity_poly.entity_id   1
_entity_poly.type   'polypeptide(L)'
_entity_poly.pdbx_seq_one_letter_code
;KDTIALVVSTLNNPFFVSLKDGAQKEADKLGYNLVVLDSQNNPAKELANVQDLTVRGTKILLINPTDSDAVGNAVKMANQ
ANIPVITLDRQATKGEVVSHIASDNVLGGKIAGDYIAKKAGEGAKVIELQGIAGTSAARERGEGFQQAVAAHKFNVLASQ
PADFDRIKGLNVMQNLLTAHPDVQAVFAQNDEMALGALRALQTAGKSDVMVVGFDGTPDGEKAVNDGKLAATIAQLPDQI
GAKGVETADKVLKGEKVQAKYPVDLKLVVKQ
;
_entity_poly.pdbx_strand_id   A,B,C,D
#
# COMPACT_ATOMS: atom_id res chain seq x y z
N LYS A 1 -56.07 29.52 -30.95
CA LYS A 1 -55.21 29.39 -29.74
C LYS A 1 -53.95 28.58 -30.02
N ASP A 2 -52.80 29.23 -29.83
CA ASP A 2 -51.53 28.57 -30.10
C ASP A 2 -51.12 27.65 -28.95
N THR A 3 -50.33 26.63 -29.29
CA THR A 3 -49.88 25.67 -28.29
C THR A 3 -48.38 25.64 -28.11
N ILE A 4 -47.98 25.69 -26.84
CA ILE A 4 -46.62 25.57 -26.38
C ILE A 4 -46.57 24.21 -25.66
N ALA A 5 -45.53 23.43 -25.94
CA ALA A 5 -45.40 22.11 -25.32
C ALA A 5 -44.29 22.10 -24.27
N LEU A 6 -44.55 21.35 -23.21
CA LEU A 6 -43.56 21.23 -22.14
C LEU A 6 -43.29 19.74 -21.89
N VAL A 7 -42.06 19.34 -22.18
CA VAL A 7 -41.65 17.96 -21.91
C VAL A 7 -40.87 18.03 -20.59
N VAL A 8 -41.47 17.51 -19.55
CA VAL A 8 -40.84 17.59 -18.23
C VAL A 8 -40.20 16.26 -17.83
N SER A 9 -39.02 16.35 -17.23
CA SER A 9 -38.28 15.16 -16.84
C SER A 9 -39.12 14.20 -16.01
N THR A 10 -39.81 14.66 -14.98
CA THR A 10 -40.68 13.82 -14.16
C THR A 10 -41.71 14.65 -13.39
N LEU A 11 -42.82 14.03 -13.01
CA LEU A 11 -43.81 14.73 -12.19
C LEU A 11 -43.91 14.03 -10.84
N ASN A 12 -42.85 13.30 -10.50
CA ASN A 12 -42.68 12.53 -9.30
C ASN A 12 -41.93 13.25 -8.18
N ASN A 13 -41.48 14.44 -8.52
CA ASN A 13 -40.75 15.31 -7.59
C ASN A 13 -41.45 16.67 -7.54
N PRO A 14 -41.60 17.24 -6.33
CA PRO A 14 -42.25 18.52 -6.13
C PRO A 14 -41.58 19.64 -6.92
N PHE A 15 -40.26 19.61 -7.04
CA PHE A 15 -39.51 20.61 -7.79
C PHE A 15 -40.04 20.71 -9.21
N PHE A 16 -40.22 19.56 -9.87
CA PHE A 16 -40.71 19.57 -11.24
C PHE A 16 -42.21 19.79 -11.35
N VAL A 17 -42.97 19.55 -10.28
CA VAL A 17 -44.41 19.84 -10.33
C VAL A 17 -44.56 21.35 -10.25
N SER A 18 -43.76 22.02 -9.43
CA SER A 18 -43.75 23.48 -9.40
C SER A 18 -43.31 24.04 -10.75
N LEU A 19 -42.29 23.42 -11.37
CA LEU A 19 -41.85 23.88 -12.68
C LEU A 19 -43.03 23.82 -13.64
N LYS A 20 -43.77 22.72 -13.67
CA LYS A 20 -44.94 22.63 -14.52
C LYS A 20 -45.98 23.68 -14.15
N ASP A 21 -46.29 23.82 -12.86
CA ASP A 21 -47.29 24.79 -12.41
C ASP A 21 -46.94 26.22 -12.82
N GLY A 22 -45.70 26.64 -12.64
CA GLY A 22 -45.24 27.97 -13.05
C GLY A 22 -45.40 28.18 -14.54
N ALA A 23 -45.12 27.16 -15.35
CA ALA A 23 -45.26 27.20 -16.79
C ALA A 23 -46.73 27.28 -17.18
N GLN A 24 -47.58 26.54 -16.47
CA GLN A 24 -49.01 26.58 -16.75
C GLN A 24 -49.60 27.96 -16.47
N LYS A 25 -49.29 28.54 -15.31
CA LYS A 25 -49.85 29.84 -14.96
C LYS A 25 -49.38 30.91 -15.96
N GLU A 26 -48.08 30.92 -16.30
CA GLU A 26 -47.58 31.89 -17.25
C GLU A 26 -48.20 31.70 -18.63
N ALA A 27 -48.37 30.46 -19.07
CA ALA A 27 -49.01 30.17 -20.35
C ALA A 27 -50.46 30.68 -20.40
N ASP A 28 -51.22 30.42 -19.34
CA ASP A 28 -52.59 30.90 -19.26
C ASP A 28 -52.62 32.42 -19.40
N LYS A 29 -51.74 33.06 -18.64
CA LYS A 29 -51.57 34.49 -18.60
C LYS A 29 -51.21 35.12 -19.95
N LEU A 30 -50.38 34.46 -20.74
CA LEU A 30 -49.99 34.94 -22.06
C LEU A 30 -50.92 34.45 -23.16
N GLY A 31 -51.92 33.64 -22.82
CA GLY A 31 -52.93 33.20 -23.78
C GLY A 31 -52.60 31.96 -24.57
N TYR A 32 -51.78 31.07 -24.02
CA TYR A 32 -51.42 29.85 -24.73
C TYR A 32 -52.04 28.60 -24.08
N ASN A 33 -52.07 27.58 -24.91
CA ASN A 33 -52.49 26.25 -24.52
C ASN A 33 -51.22 25.44 -24.26
N LEU A 34 -51.00 25.02 -23.01
CA LEU A 34 -49.79 24.27 -22.71
C LEU A 34 -50.02 22.77 -22.71
N VAL A 35 -49.32 22.07 -23.61
CA VAL A 35 -49.39 20.61 -23.63
C VAL A 35 -48.24 20.11 -22.77
N VAL A 36 -48.51 19.31 -21.73
CA VAL A 36 -47.46 18.85 -20.83
C VAL A 36 -47.24 17.35 -20.94
N LEU A 37 -46.00 16.96 -21.23
CA LEU A 37 -45.68 15.54 -21.35
C LEU A 37 -44.66 15.14 -20.30
N ASP A 38 -44.95 14.09 -19.56
CA ASP A 38 -44.09 13.57 -18.51
C ASP A 38 -43.16 12.49 -19.08
N SER A 39 -41.87 12.64 -18.84
CA SER A 39 -40.89 11.67 -19.33
C SER A 39 -40.66 10.53 -18.35
N GLN A 40 -41.14 10.69 -17.11
CA GLN A 40 -40.98 9.67 -16.07
C GLN A 40 -39.53 9.34 -15.80
N ASN A 41 -38.64 10.32 -15.91
CA ASN A 41 -37.21 10.22 -15.75
C ASN A 41 -36.57 9.16 -16.64
N ASN A 42 -37.09 8.96 -17.85
CA ASN A 42 -36.58 7.96 -18.78
C ASN A 42 -36.34 8.60 -20.14
N PRO A 43 -35.06 8.65 -20.55
CA PRO A 43 -34.69 9.20 -21.84
C PRO A 43 -35.43 8.61 -23.02
N ALA A 44 -35.74 7.32 -23.00
CA ALA A 44 -36.52 6.73 -24.09
C ALA A 44 -37.90 7.36 -24.16
N LYS A 45 -38.61 7.50 -23.05
CA LYS A 45 -39.94 8.12 -23.00
C LYS A 45 -39.87 9.60 -23.37
N GLU A 46 -38.82 10.30 -22.96
CA GLU A 46 -38.56 11.69 -23.34
C GLU A 46 -38.43 11.78 -24.86
N LEU A 47 -37.66 10.86 -25.43
CA LEU A 47 -37.47 10.79 -26.87
C LEU A 47 -38.81 10.57 -27.56
N ALA A 48 -39.64 9.68 -27.05
CA ALA A 48 -40.95 9.41 -27.60
C ALA A 48 -41.86 10.63 -27.49
N ASN A 49 -41.81 11.33 -26.35
CA ASN A 49 -42.60 12.53 -26.18
C ASN A 49 -42.26 13.58 -27.22
N VAL A 50 -40.96 13.81 -27.45
CA VAL A 50 -40.56 14.81 -28.45
C VAL A 50 -40.97 14.38 -29.84
N GLN A 51 -40.90 13.10 -30.20
CA GLN A 51 -41.33 12.66 -31.53
C GLN A 51 -42.82 12.88 -31.71
N ASP A 52 -43.61 12.55 -30.70
CA ASP A 52 -45.05 12.77 -30.72
C ASP A 52 -45.37 14.23 -31.00
N LEU A 53 -44.71 15.12 -30.26
CA LEU A 53 -44.89 16.55 -30.44
C LEU A 53 -44.51 17.08 -31.81
N THR A 54 -43.44 16.56 -32.42
CA THR A 54 -43.00 17.02 -33.72
C THR A 54 -44.07 16.81 -34.79
N VAL A 55 -44.64 15.60 -34.84
CA VAL A 55 -45.66 15.29 -35.84
C VAL A 55 -46.99 15.99 -35.58
N ARG A 56 -47.19 16.56 -34.41
CA ARG A 56 -48.40 17.29 -34.07
C ARG A 56 -48.20 18.80 -34.22
N GLY A 57 -47.20 19.19 -35.00
CA GLY A 57 -46.89 20.55 -35.31
C GLY A 57 -46.90 21.52 -34.14
N THR A 58 -46.05 21.29 -33.15
CA THR A 58 -45.94 22.18 -32.00
C THR A 58 -45.11 23.39 -32.40
N LYS A 59 -45.51 24.58 -31.97
CA LYS A 59 -44.77 25.78 -32.36
C LYS A 59 -43.42 25.88 -31.67
N ILE A 60 -43.35 25.68 -30.36
CA ILE A 60 -42.08 25.74 -29.63
C ILE A 60 -42.00 24.54 -28.69
N LEU A 61 -40.80 24.04 -28.45
CA LEU A 61 -40.61 22.95 -27.51
C LEU A 61 -39.82 23.38 -26.27
N LEU A 62 -40.49 23.37 -25.12
CA LEU A 62 -39.82 23.67 -23.86
C LEU A 62 -39.45 22.27 -23.32
N ILE A 63 -38.17 21.99 -23.17
CA ILE A 63 -37.81 20.66 -22.69
C ILE A 63 -36.91 20.72 -21.48
N ASN A 64 -37.30 19.99 -20.45
CA ASN A 64 -36.51 19.87 -19.20
C ASN A 64 -35.90 18.47 -19.28
N PRO A 65 -34.67 18.39 -19.78
CA PRO A 65 -34.02 17.11 -20.01
C PRO A 65 -33.95 16.22 -18.79
N THR A 66 -34.10 14.89 -18.98
CA THR A 66 -33.91 13.97 -17.86
C THR A 66 -32.41 13.95 -17.57
N ASP A 67 -31.61 14.01 -18.64
CA ASP A 67 -30.15 14.04 -18.53
C ASP A 67 -29.56 14.85 -19.68
N SER A 68 -28.59 15.71 -19.38
CA SER A 68 -27.99 16.59 -20.37
C SER A 68 -27.40 15.88 -21.58
N ASP A 69 -26.69 14.77 -21.34
CA ASP A 69 -26.07 14.01 -22.42
C ASP A 69 -27.07 13.16 -23.18
N ALA A 70 -28.07 12.57 -22.53
CA ALA A 70 -29.05 11.72 -23.19
C ALA A 70 -30.08 12.42 -24.05
N VAL A 71 -30.36 13.69 -23.78
CA VAL A 71 -31.34 14.47 -24.52
C VAL A 71 -30.90 14.90 -25.90
N GLY A 72 -29.62 14.81 -26.23
CA GLY A 72 -29.07 15.16 -27.53
C GLY A 72 -29.92 14.81 -28.73
N ASN A 73 -30.28 13.55 -28.90
CA ASN A 73 -31.07 13.09 -30.03
C ASN A 73 -32.48 13.64 -30.02
N ALA A 74 -33.08 13.81 -28.85
CA ALA A 74 -34.42 14.40 -28.75
C ALA A 74 -34.41 15.83 -29.28
N VAL A 75 -33.40 16.60 -28.91
CA VAL A 75 -33.24 17.96 -29.42
C VAL A 75 -33.05 17.93 -30.93
N LYS A 76 -32.29 16.98 -31.46
CA LYS A 76 -32.06 16.85 -32.90
C LYS A 76 -33.33 16.55 -33.69
N MET A 77 -34.32 15.86 -33.13
CA MET A 77 -35.56 15.61 -33.85
C MET A 77 -36.31 16.94 -34.01
N ALA A 78 -36.28 17.75 -32.95
CA ALA A 78 -36.90 19.07 -32.95
C ALA A 78 -36.17 20.03 -33.88
N ASN A 79 -34.84 20.00 -33.87
CA ASN A 79 -34.00 20.83 -34.72
C ASN A 79 -34.30 20.57 -36.20
N GLN A 80 -34.49 19.31 -36.57
CA GLN A 80 -34.76 18.94 -37.95
C GLN A 80 -36.17 19.29 -38.38
N ALA A 81 -37.09 19.24 -37.41
CA ALA A 81 -38.49 19.58 -37.65
C ALA A 81 -38.70 21.08 -37.60
N ASN A 82 -37.67 21.84 -37.25
CA ASN A 82 -37.68 23.28 -37.18
C ASN A 82 -38.48 23.87 -36.03
N ILE A 83 -38.61 23.11 -34.96
CA ILE A 83 -39.31 23.56 -33.76
C ILE A 83 -38.28 24.10 -32.78
N PRO A 84 -38.31 25.40 -32.54
CA PRO A 84 -37.38 26.05 -31.62
C PRO A 84 -37.38 25.30 -30.29
N VAL A 85 -36.20 25.13 -29.70
CA VAL A 85 -36.03 24.41 -28.47
C VAL A 85 -35.52 25.36 -27.39
N ILE A 86 -36.15 25.27 -26.22
CA ILE A 86 -35.74 26.05 -25.06
C ILE A 86 -35.56 25.03 -23.93
N THR A 87 -34.38 25.01 -23.30
CA THR A 87 -34.15 24.05 -22.22
C THR A 87 -34.41 24.68 -20.86
N LEU A 88 -34.88 23.83 -19.94
CA LEU A 88 -35.20 24.28 -18.59
C LEU A 88 -34.44 23.46 -17.57
N ASP A 89 -33.77 24.09 -16.62
CA ASP A 89 -33.04 23.45 -15.55
C ASP A 89 -31.74 22.78 -15.97
N ARG A 90 -31.77 21.82 -16.86
CA ARG A 90 -30.61 21.10 -17.35
C ARG A 90 -30.31 21.48 -18.80
N GLN A 91 -29.05 21.72 -19.12
CA GLN A 91 -28.68 22.09 -20.48
C GLN A 91 -28.64 20.85 -21.37
N ALA A 92 -28.75 21.05 -22.68
CA ALA A 92 -28.62 19.94 -23.62
C ALA A 92 -27.20 19.98 -24.19
N THR A 93 -26.41 18.95 -23.94
CA THR A 93 -25.03 18.88 -24.42
C THR A 93 -24.92 19.03 -25.93
N LYS A 94 -25.72 18.31 -26.68
CA LYS A 94 -25.73 18.37 -28.12
C LYS A 94 -27.08 18.92 -28.63
N GLY A 95 -27.11 19.47 -29.83
CA GLY A 95 -28.36 19.97 -30.40
C GLY A 95 -28.43 21.49 -30.32
N GLU A 96 -29.20 22.09 -31.21
CA GLU A 96 -29.35 23.55 -31.25
C GLU A 96 -30.51 24.00 -30.36
N VAL A 97 -30.17 24.81 -29.38
CA VAL A 97 -31.11 25.32 -28.39
C VAL A 97 -31.19 26.84 -28.51
N VAL A 98 -32.41 27.41 -28.54
CA VAL A 98 -32.53 28.85 -28.68
C VAL A 98 -32.24 29.59 -27.37
N SER A 99 -32.58 28.99 -26.24
CA SER A 99 -32.36 29.64 -24.96
C SER A 99 -32.42 28.60 -23.83
N HIS A 100 -31.67 28.88 -22.77
CA HIS A 100 -31.60 27.95 -21.64
C HIS A 100 -31.97 28.73 -20.37
N ILE A 101 -32.97 28.21 -19.66
CA ILE A 101 -33.44 28.88 -18.45
C ILE A 101 -33.21 27.97 -17.25
N ALA A 102 -32.41 28.45 -16.31
CA ALA A 102 -32.10 27.68 -15.10
C ALA A 102 -31.90 28.66 -13.96
N SER A 103 -31.68 28.12 -12.76
CA SER A 103 -31.47 28.98 -11.61
C SER A 103 -30.15 29.72 -11.78
N ASP A 104 -30.09 30.87 -11.11
CA ASP A 104 -28.83 31.63 -11.12
C ASP A 104 -27.94 31.02 -10.05
N ASN A 105 -27.28 29.91 -10.39
CA ASN A 105 -26.36 29.22 -9.50
C ASN A 105 -25.20 30.12 -9.09
N VAL A 106 -24.73 30.97 -10.00
CA VAL A 106 -23.66 31.90 -9.67
C VAL A 106 -24.10 32.86 -8.57
N LEU A 107 -25.28 33.45 -8.69
CA LEU A 107 -25.81 34.34 -7.65
C LEU A 107 -26.02 33.53 -6.38
N GLY A 108 -26.58 32.33 -6.53
CA GLY A 108 -26.75 31.44 -5.38
C GLY A 108 -25.48 31.31 -4.55
N GLY A 109 -24.37 30.92 -5.20
CA GLY A 109 -23.11 30.76 -4.49
C GLY A 109 -22.63 32.05 -3.86
N LYS A 110 -22.80 33.17 -4.57
CA LYS A 110 -22.36 34.46 -4.05
C LYS A 110 -23.19 34.83 -2.82
N ILE A 111 -24.48 34.56 -2.90
CA ILE A 111 -25.41 34.80 -1.78
C ILE A 111 -24.95 34.02 -0.56
N ALA A 112 -24.70 32.71 -0.75
CA ALA A 112 -24.23 31.88 0.36
C ALA A 112 -22.97 32.44 1.01
N GLY A 113 -22.01 32.88 0.19
CA GLY A 113 -20.77 33.46 0.68
C GLY A 113 -21.00 34.76 1.40
N ASP A 114 -21.87 35.62 0.87
CA ASP A 114 -22.16 36.89 1.55
C ASP A 114 -22.74 36.63 2.93
N TYR A 115 -23.64 35.65 3.06
CA TYR A 115 -24.19 35.31 4.36
C TYR A 115 -23.08 34.85 5.30
N ILE A 116 -22.15 34.01 4.85
CA ILE A 116 -21.04 33.56 5.70
C ILE A 116 -20.25 34.76 6.18
N ALA A 117 -20.01 35.72 5.30
CA ALA A 117 -19.31 36.94 5.66
C ALA A 117 -20.08 37.68 6.75
N LYS A 118 -21.40 37.81 6.57
CA LYS A 118 -22.24 38.47 7.55
C LYS A 118 -22.10 37.84 8.93
N LYS A 119 -22.19 36.53 9.03
CA LYS A 119 -22.06 35.84 10.32
C LYS A 119 -20.64 35.53 10.78
N ALA A 120 -19.75 35.04 9.93
CA ALA A 120 -18.39 34.70 10.34
C ALA A 120 -17.43 35.87 10.20
N GLY A 121 -17.80 36.91 9.47
CA GLY A 121 -16.95 38.06 9.32
C GLY A 121 -16.09 38.03 8.06
N GLU A 122 -15.55 39.21 7.76
CA GLU A 122 -14.70 39.41 6.60
C GLU A 122 -13.39 38.69 6.86
N GLY A 123 -12.84 38.04 5.85
CA GLY A 123 -11.59 37.30 6.01
C GLY A 123 -11.79 35.99 6.75
N ALA A 124 -12.99 35.45 6.82
CA ALA A 124 -13.24 34.19 7.52
C ALA A 124 -12.48 33.04 6.88
N LYS A 125 -12.13 32.05 7.69
CA LYS A 125 -11.49 30.83 7.19
C LYS A 125 -12.62 29.87 6.83
N VAL A 126 -12.75 29.54 5.55
CA VAL A 126 -13.83 28.66 5.12
C VAL A 126 -13.38 27.40 4.38
N ILE A 127 -14.29 26.43 4.35
CA ILE A 127 -14.13 25.18 3.62
C ILE A 127 -15.30 25.07 2.64
N GLU A 128 -15.06 24.65 1.42
CA GLU A 128 -16.12 24.46 0.43
C GLU A 128 -16.24 23.00 0.04
N LEU A 129 -17.47 22.48 0.05
CA LEU A 129 -17.74 21.11 -0.38
C LEU A 129 -18.38 21.20 -1.76
N GLN A 130 -17.66 20.81 -2.80
CA GLN A 130 -18.16 20.91 -4.15
C GLN A 130 -19.00 19.69 -4.56
N GLY A 131 -19.83 19.90 -5.58
CA GLY A 131 -20.66 18.85 -6.15
C GLY A 131 -19.88 18.04 -7.17
N ILE A 132 -20.59 17.19 -7.91
CA ILE A 132 -19.92 16.35 -8.90
C ILE A 132 -19.12 17.17 -9.90
N ALA A 133 -17.85 16.82 -10.05
CA ALA A 133 -16.96 17.51 -10.98
C ALA A 133 -17.48 17.40 -12.41
N GLY A 134 -17.52 18.49 -13.15
CA GLY A 134 -18.02 18.44 -14.52
C GLY A 134 -19.45 18.93 -14.68
N THR A 135 -20.30 18.80 -13.67
CA THR A 135 -21.69 19.26 -13.76
C THR A 135 -21.77 20.79 -13.80
N SER A 136 -22.77 21.33 -14.49
CA SER A 136 -22.90 22.79 -14.53
C SER A 136 -23.24 23.39 -13.17
N ALA A 137 -24.00 22.70 -12.32
CA ALA A 137 -24.35 23.23 -11.01
C ALA A 137 -23.12 23.43 -10.13
N ALA A 138 -22.24 22.43 -10.06
CA ALA A 138 -21.01 22.55 -9.29
C ALA A 138 -20.14 23.69 -9.80
N ARG A 139 -20.04 23.85 -11.10
CA ARG A 139 -19.21 24.88 -11.72
C ARG A 139 -19.74 26.28 -11.42
N GLU A 140 -21.02 26.51 -11.69
CA GLU A 140 -21.63 27.82 -11.45
C GLU A 140 -21.72 28.19 -9.99
N ARG A 141 -22.08 27.23 -9.13
CA ARG A 141 -22.12 27.52 -7.68
C ARG A 141 -20.72 27.83 -7.18
N GLY A 142 -19.71 27.13 -7.71
CA GLY A 142 -18.33 27.38 -7.38
C GLY A 142 -17.85 28.76 -7.78
N GLU A 143 -18.16 29.24 -8.99
CA GLU A 143 -17.68 30.59 -9.34
C GLU A 143 -18.43 31.65 -8.55
N GLY A 144 -19.71 31.42 -8.28
CA GLY A 144 -20.47 32.37 -7.45
C GLY A 144 -19.80 32.52 -6.09
N PHE A 145 -19.47 31.37 -5.48
CA PHE A 145 -18.80 31.41 -4.17
C PHE A 145 -17.45 32.12 -4.26
N GLN A 146 -16.71 31.93 -5.36
CA GLN A 146 -15.44 32.60 -5.57
C GLN A 146 -15.65 34.11 -5.60
N GLN A 147 -16.75 34.60 -6.16
CA GLN A 147 -17.05 36.04 -6.11
C GLN A 147 -17.13 36.51 -4.66
N ALA A 148 -17.75 35.75 -3.78
CA ALA A 148 -17.82 36.10 -2.35
C ALA A 148 -16.46 35.93 -1.68
N VAL A 149 -15.69 34.94 -2.11
CA VAL A 149 -14.34 34.74 -1.57
C VAL A 149 -13.51 35.99 -1.85
N ALA A 150 -13.56 36.54 -3.05
CA ALA A 150 -12.84 37.77 -3.38
C ALA A 150 -13.37 38.98 -2.63
N ALA A 151 -14.67 39.24 -2.77
CA ALA A 151 -15.27 40.42 -2.13
C ALA A 151 -15.09 40.40 -0.61
N HIS A 152 -15.30 39.26 0.03
CA HIS A 152 -15.12 39.20 1.48
C HIS A 152 -13.77 38.73 1.96
N LYS A 153 -12.80 38.57 1.06
CA LYS A 153 -11.45 38.19 1.42
C LYS A 153 -11.37 36.88 2.19
N PHE A 154 -12.15 35.87 1.79
CA PHE A 154 -12.16 34.60 2.48
C PHE A 154 -10.86 33.82 2.25
N ASN A 155 -10.48 33.08 3.28
CA ASN A 155 -9.32 32.18 3.22
C ASN A 155 -9.93 30.78 3.07
N VAL A 156 -9.90 30.23 1.87
CA VAL A 156 -10.45 28.89 1.65
C VAL A 156 -9.42 27.85 2.06
N LEU A 157 -9.61 27.29 3.26
CA LEU A 157 -8.70 26.29 3.79
C LEU A 157 -8.66 25.05 2.90
N ALA A 158 -9.82 24.64 2.44
CA ALA A 158 -9.92 23.47 1.57
C ALA A 158 -11.15 23.59 0.69
N SER A 159 -11.10 23.03 -0.50
CA SER A 159 -12.20 23.00 -1.44
C SER A 159 -12.14 21.65 -2.15
N GLN A 160 -13.06 20.76 -1.84
CA GLN A 160 -13.05 19.42 -2.44
C GLN A 160 -14.45 18.92 -2.75
N PRO A 161 -14.54 18.02 -3.72
CA PRO A 161 -15.81 17.45 -4.14
C PRO A 161 -16.32 16.43 -3.14
N ALA A 162 -17.64 16.40 -2.96
CA ALA A 162 -18.30 15.42 -2.11
C ALA A 162 -19.49 14.87 -2.92
N ASP A 163 -19.42 15.15 -4.21
CA ASP A 163 -20.33 14.72 -5.25
C ASP A 163 -21.81 14.87 -4.96
N PHE A 164 -22.24 15.92 -4.27
CA PHE A 164 -23.66 16.14 -3.98
C PHE A 164 -24.28 15.00 -3.18
N ASP A 165 -23.49 14.30 -2.38
CA ASP A 165 -23.93 13.15 -1.61
C ASP A 165 -23.77 13.41 -0.13
N ARG A 166 -24.71 12.90 0.67
CA ARG A 166 -24.64 13.09 2.11
C ARG A 166 -23.54 12.24 2.72
N ILE A 167 -23.41 10.98 2.31
CA ILE A 167 -22.37 10.14 2.91
C ILE A 167 -20.99 10.67 2.55
N LYS A 168 -20.76 11.03 1.29
CA LYS A 168 -19.46 11.58 0.91
C LYS A 168 -19.25 12.93 1.58
N GLY A 169 -20.32 13.72 1.71
CA GLY A 169 -20.25 15.01 2.38
C GLY A 169 -19.77 14.83 3.82
N LEU A 170 -20.29 13.81 4.49
CA LEU A 170 -19.90 13.46 5.85
C LEU A 170 -18.43 13.06 5.92
N ASN A 171 -18.03 12.08 5.12
CA ASN A 171 -16.66 11.60 5.11
C ASN A 171 -15.65 12.66 4.69
N VAL A 172 -15.92 13.43 3.65
CA VAL A 172 -14.99 14.48 3.22
C VAL A 172 -14.87 15.55 4.30
N MET A 173 -15.99 15.96 4.92
CA MET A 173 -15.95 16.97 5.97
C MET A 173 -15.14 16.47 7.17
N GLN A 174 -15.33 15.20 7.50
CA GLN A 174 -14.58 14.56 8.57
C GLN A 174 -13.08 14.64 8.32
N ASN A 175 -12.66 14.29 7.09
CA ASN A 175 -11.25 14.38 6.74
C ASN A 175 -10.73 15.81 6.80
N LEU A 176 -11.47 16.75 6.20
CA LEU A 176 -11.06 18.14 6.16
C LEU A 176 -11.03 18.80 7.53
N LEU A 177 -11.96 18.39 8.39
CA LEU A 177 -12.04 18.88 9.76
C LEU A 177 -10.77 18.60 10.55
N THR A 178 -10.30 17.35 10.51
CA THR A 178 -9.09 16.99 11.24
C THR A 178 -7.87 17.70 10.65
N ALA A 179 -7.81 17.84 9.32
CA ALA A 179 -6.72 18.53 8.65
C ALA A 179 -6.76 20.05 8.80
N HIS A 180 -7.95 20.65 8.97
CA HIS A 180 -8.12 22.08 9.09
C HIS A 180 -9.14 22.38 10.21
N PRO A 181 -8.68 22.31 11.46
CA PRO A 181 -9.53 22.51 12.62
C PRO A 181 -9.89 23.95 12.90
N ASP A 182 -9.21 24.88 12.24
CA ASP A 182 -9.45 26.31 12.38
C ASP A 182 -10.53 26.82 11.42
N VAL A 183 -11.29 25.93 10.81
CA VAL A 183 -12.34 26.31 9.88
C VAL A 183 -13.46 27.04 10.64
N GLN A 184 -13.94 28.16 10.08
CA GLN A 184 -14.99 28.92 10.74
C GLN A 184 -16.35 28.70 10.08
N ALA A 185 -16.34 28.41 8.78
CA ALA A 185 -17.59 28.20 8.05
C ALA A 185 -17.42 27.25 6.87
N VAL A 186 -18.53 26.61 6.53
CA VAL A 186 -18.55 25.68 5.41
C VAL A 186 -19.63 26.08 4.41
N PHE A 187 -19.31 26.01 3.12
CA PHE A 187 -20.31 26.22 2.09
C PHE A 187 -20.38 24.88 1.32
N ALA A 188 -21.53 24.24 1.39
CA ALA A 188 -21.75 22.97 0.68
C ALA A 188 -22.63 23.26 -0.52
N GLN A 189 -22.29 22.75 -1.70
CA GLN A 189 -23.05 23.05 -2.91
C GLN A 189 -24.40 22.36 -3.05
N ASN A 190 -24.85 21.65 -2.04
CA ASN A 190 -26.20 21.10 -1.98
C ASN A 190 -26.51 20.76 -0.53
N ASP A 191 -27.79 20.63 -0.22
CA ASP A 191 -28.21 20.33 1.14
C ASP A 191 -27.72 18.95 1.60
N GLU A 192 -27.71 17.96 0.71
CA GLU A 192 -27.21 16.64 1.10
C GLU A 192 -25.81 16.76 1.69
N MET A 193 -24.89 17.36 0.92
CA MET A 193 -23.54 17.59 1.41
C MET A 193 -23.54 18.41 2.69
N ALA A 194 -24.33 19.49 2.75
CA ALA A 194 -24.40 20.30 3.97
C ALA A 194 -24.83 19.48 5.18
N LEU A 195 -25.87 18.67 5.02
CA LEU A 195 -26.36 17.81 6.11
C LEU A 195 -25.29 16.80 6.50
N GLY A 196 -24.67 16.18 5.48
CA GLY A 196 -23.55 15.28 5.72
C GLY A 196 -22.47 15.99 6.54
N ALA A 197 -22.07 17.19 6.12
CA ALA A 197 -21.07 17.99 6.82
C ALA A 197 -21.51 18.36 8.23
N LEU A 198 -22.79 18.61 8.44
CA LEU A 198 -23.35 18.92 9.74
C LEU A 198 -23.18 17.73 10.70
N ARG A 199 -23.49 16.54 10.18
CA ARG A 199 -23.34 15.30 10.93
C ARG A 199 -21.88 15.13 11.33
N ALA A 200 -20.95 15.32 10.40
CA ALA A 200 -19.53 15.25 10.70
C ALA A 200 -19.11 16.21 11.80
N LEU A 201 -19.53 17.47 11.72
CA LEU A 201 -19.18 18.48 12.72
C LEU A 201 -19.79 18.19 14.07
N GLN A 202 -21.02 17.68 14.09
CA GLN A 202 -21.70 17.32 15.34
C GLN A 202 -20.92 16.25 16.08
N THR A 203 -20.48 15.23 15.35
CA THR A 203 -19.67 14.13 15.86
C THR A 203 -18.33 14.56 16.42
N ALA A 204 -17.71 15.60 15.87
CA ALA A 204 -16.43 16.10 16.37
C ALA A 204 -16.61 17.15 17.45
N GLY A 205 -17.84 17.54 17.76
CA GLY A 205 -18.14 18.53 18.79
C GLY A 205 -17.89 19.95 18.31
N LYS A 206 -18.17 20.18 17.03
CA LYS A 206 -17.96 21.48 16.42
C LYS A 206 -19.20 21.99 15.69
N SER A 207 -20.23 22.33 16.47
CA SER A 207 -21.48 22.86 15.93
C SER A 207 -21.48 24.38 15.93
N ASP A 208 -20.34 24.98 16.28
CA ASP A 208 -20.10 26.41 16.30
C ASP A 208 -19.64 26.89 14.92
N VAL A 209 -19.29 25.93 14.07
CA VAL A 209 -18.85 26.17 12.69
C VAL A 209 -20.11 26.22 11.81
N MET A 210 -20.46 27.39 11.30
CA MET A 210 -21.69 27.50 10.51
C MET A 210 -21.57 26.76 9.18
N VAL A 211 -22.68 26.12 8.79
CA VAL A 211 -22.76 25.44 7.51
C VAL A 211 -23.88 26.08 6.67
N VAL A 212 -23.60 26.35 5.40
CA VAL A 212 -24.58 26.93 4.49
C VAL A 212 -24.79 25.97 3.33
N GLY A 213 -26.01 25.52 3.09
CA GLY A 213 -26.28 24.56 2.02
C GLY A 213 -26.78 25.21 0.75
N PHE A 214 -27.50 24.45 -0.06
CA PHE A 214 -28.04 24.96 -1.32
C PHE A 214 -29.07 23.99 -1.86
N ASP A 215 -30.20 24.46 -2.36
CA ASP A 215 -31.24 23.68 -2.99
C ASP A 215 -32.61 23.96 -2.36
N GLY A 216 -32.63 24.16 -1.05
CA GLY A 216 -33.85 24.43 -0.32
C GLY A 216 -34.76 23.20 -0.22
N THR A 217 -34.18 22.02 -0.09
CA THR A 217 -34.92 20.77 0.03
C THR A 217 -35.67 20.69 1.35
N PRO A 218 -36.63 19.79 1.43
CA PRO A 218 -37.40 19.55 2.64
C PRO A 218 -36.48 19.31 3.83
N ASP A 219 -35.50 18.42 3.65
CA ASP A 219 -34.54 18.11 4.70
C ASP A 219 -33.66 19.31 5.02
N GLY A 220 -33.22 20.04 3.99
CA GLY A 220 -32.40 21.22 4.18
C GLY A 220 -33.13 22.32 4.94
N GLU A 221 -34.33 22.67 4.49
CA GLU A 221 -35.13 23.71 5.14
C GLU A 221 -35.53 23.31 6.55
N LYS A 222 -35.82 22.02 6.77
CA LYS A 222 -36.10 21.51 8.10
C LYS A 222 -34.92 21.78 9.04
N ALA A 223 -33.71 21.48 8.57
CA ALA A 223 -32.49 21.67 9.33
C ALA A 223 -32.27 23.14 9.72
N VAL A 224 -32.65 24.06 8.84
CA VAL A 224 -32.55 25.48 9.12
C VAL A 224 -33.53 25.91 10.21
N ASN A 225 -34.75 25.40 10.15
CA ASN A 225 -35.78 25.71 11.13
C ASN A 225 -35.40 25.19 12.53
N ASP A 226 -34.71 24.05 12.58
CA ASP A 226 -34.27 23.48 13.84
C ASP A 226 -33.06 24.19 14.45
N GLY A 227 -32.43 25.10 13.72
CA GLY A 227 -31.26 25.81 14.20
C GLY A 227 -29.98 25.00 13.99
N LYS A 228 -30.01 24.00 13.12
CA LYS A 228 -28.83 23.18 12.85
C LYS A 228 -28.05 23.75 11.67
N LEU A 229 -28.73 23.87 10.54
CA LEU A 229 -28.16 24.46 9.32
C LEU A 229 -28.28 25.98 9.39
N ALA A 230 -27.19 26.72 9.23
CA ALA A 230 -27.26 28.18 9.29
C ALA A 230 -28.13 28.76 8.19
N ALA A 231 -28.10 28.18 6.99
CA ALA A 231 -28.91 28.67 5.90
C ALA A 231 -28.92 27.71 4.71
N THR A 232 -29.78 28.02 3.74
CA THR A 232 -29.81 27.29 2.48
C THR A 232 -30.28 28.28 1.40
N ILE A 233 -30.06 27.89 0.16
CA ILE A 233 -30.44 28.69 -0.99
C ILE A 233 -31.59 27.99 -1.70
N ALA A 234 -32.81 28.51 -1.61
CA ALA A 234 -33.93 27.85 -2.25
C ALA A 234 -34.13 28.31 -3.69
N GLN A 235 -34.29 27.35 -4.59
CA GLN A 235 -34.53 27.64 -5.99
C GLN A 235 -36.01 27.99 -6.14
N LEU A 236 -36.34 28.54 -7.29
CA LEU A 236 -37.74 28.89 -7.58
C LEU A 236 -38.12 28.22 -8.89
N PRO A 237 -38.42 26.93 -8.83
CA PRO A 237 -38.74 26.13 -9.99
C PRO A 237 -39.92 26.64 -10.78
N ASP A 238 -40.92 27.17 -10.09
CA ASP A 238 -42.08 27.77 -10.75
C ASP A 238 -41.62 28.91 -11.66
N GLN A 239 -40.68 29.73 -11.18
CA GLN A 239 -40.15 30.82 -11.98
C GLN A 239 -39.37 30.32 -13.18
N ILE A 240 -38.74 29.15 -13.11
CA ILE A 240 -38.06 28.58 -14.28
C ILE A 240 -39.09 28.22 -15.34
N GLY A 241 -40.18 27.57 -14.92
CA GLY A 241 -41.23 27.23 -15.87
C GLY A 241 -41.88 28.49 -16.46
N ALA A 242 -42.17 29.48 -15.62
CA ALA A 242 -42.78 30.73 -16.09
C ALA A 242 -41.88 31.45 -17.08
N LYS A 243 -40.62 31.69 -16.72
CA LYS A 243 -39.66 32.33 -17.61
C LYS A 243 -39.47 31.57 -18.90
N GLY A 244 -39.55 30.24 -18.86
CA GLY A 244 -39.44 29.43 -20.07
C GLY A 244 -40.59 29.71 -21.01
N VAL A 245 -41.80 29.76 -20.48
CA VAL A 245 -42.99 30.01 -21.30
C VAL A 245 -42.93 31.40 -21.91
N GLU A 246 -42.53 32.39 -21.12
CA GLU A 246 -42.40 33.77 -21.58
C GLU A 246 -41.33 33.91 -22.66
N THR A 247 -40.20 33.21 -22.52
CA THR A 247 -39.17 33.21 -23.54
C THR A 247 -39.66 32.52 -24.81
N ALA A 248 -40.51 31.50 -24.67
CA ALA A 248 -41.07 30.86 -25.84
C ALA A 248 -41.93 31.88 -26.58
N ASP A 249 -42.72 32.64 -25.82
CA ASP A 249 -43.60 33.68 -26.29
C ASP A 249 -42.84 34.73 -27.09
N LYS A 250 -41.75 35.24 -26.53
CA LYS A 250 -40.91 36.21 -27.23
C LYS A 250 -40.36 35.62 -28.52
N VAL A 251 -39.96 34.35 -28.52
CA VAL A 251 -39.52 33.70 -29.76
C VAL A 251 -40.66 33.67 -30.76
N LEU A 252 -41.87 33.31 -30.33
CA LEU A 252 -43.02 33.27 -31.24
C LEU A 252 -43.44 34.63 -31.77
N LYS A 253 -43.10 35.72 -31.08
CA LYS A 253 -43.44 37.06 -31.52
C LYS A 253 -42.36 37.67 -32.40
N GLY A 254 -41.43 36.86 -32.90
CA GLY A 254 -40.37 37.29 -33.78
C GLY A 254 -39.24 38.03 -33.10
N GLU A 255 -39.09 37.88 -31.79
CA GLU A 255 -38.01 38.53 -31.05
C GLU A 255 -36.77 37.65 -30.94
N LYS A 256 -35.62 38.27 -30.75
CA LYS A 256 -34.38 37.51 -30.55
C LYS A 256 -34.16 37.43 -29.04
N VAL A 257 -33.96 36.22 -28.52
CA VAL A 257 -33.83 36.04 -27.08
C VAL A 257 -32.40 35.83 -26.63
N GLN A 258 -32.11 36.13 -25.36
CA GLN A 258 -30.77 35.87 -24.85
C GLN A 258 -30.57 34.34 -24.77
N ALA A 259 -29.30 33.95 -24.72
CA ALA A 259 -28.94 32.53 -24.64
C ALA A 259 -29.35 31.94 -23.30
N LYS A 260 -29.21 32.71 -22.24
CA LYS A 260 -29.56 32.30 -20.90
C LYS A 260 -30.37 33.37 -20.18
N TYR A 261 -31.25 32.94 -19.28
CA TYR A 261 -32.03 33.83 -18.43
C TYR A 261 -32.00 33.24 -17.01
N PRO A 262 -30.94 33.52 -16.28
CA PRO A 262 -30.75 32.98 -14.94
C PRO A 262 -31.86 33.43 -13.99
N VAL A 263 -32.59 32.46 -13.44
CA VAL A 263 -33.70 32.75 -12.54
C VAL A 263 -33.24 33.07 -11.14
N ASP A 264 -33.90 34.02 -10.48
CA ASP A 264 -33.53 34.42 -9.12
C ASP A 264 -33.76 33.31 -8.10
N LEU A 265 -33.10 33.45 -6.95
CA LEU A 265 -33.24 32.47 -5.89
C LEU A 265 -33.20 33.18 -4.55
N LYS A 266 -33.61 32.48 -3.50
CA LYS A 266 -33.69 33.13 -2.19
C LYS A 266 -32.91 32.48 -1.08
N LEU A 267 -32.39 33.35 -0.21
CA LEU A 267 -31.65 32.92 0.97
C LEU A 267 -32.66 32.51 2.06
N VAL A 268 -32.54 31.29 2.54
CA VAL A 268 -33.43 30.78 3.57
C VAL A 268 -32.71 30.71 4.92
N VAL A 269 -33.11 31.56 5.86
CA VAL A 269 -32.54 31.54 7.20
C VAL A 269 -33.66 31.26 8.21
N LYS A 270 -33.30 31.04 9.46
CA LYS A 270 -34.32 30.76 10.49
C LYS A 270 -35.14 32.02 10.75
N GLN A 271 -36.44 31.96 10.54
CA GLN A 271 -37.39 33.03 10.71
C GLN A 271 -37.82 33.66 9.37
N LYS B 1 40.53 18.76 37.67
CA LYS B 1 40.00 18.35 36.33
C LYS B 1 39.69 16.85 36.26
N ASP B 2 38.41 16.54 36.42
CA ASP B 2 37.87 15.20 36.40
C ASP B 2 37.94 14.58 35.01
N THR B 3 37.90 13.25 34.98
CA THR B 3 37.98 12.54 33.71
C THR B 3 36.76 11.69 33.40
N ILE B 4 36.29 11.87 32.19
CA ILE B 4 35.20 11.09 31.60
C ILE B 4 35.87 10.21 30.53
N ALA B 5 35.52 8.93 30.49
CA ALA B 5 36.12 8.05 29.49
C ALA B 5 35.09 7.67 28.42
N LEU B 6 35.58 7.55 27.19
CA LEU B 6 34.76 7.17 26.06
C LEU B 6 35.37 5.95 25.37
N VAL B 7 34.65 4.84 25.45
CA VAL B 7 35.08 3.62 24.75
C VAL B 7 34.27 3.60 23.44
N VAL B 8 34.95 3.84 22.34
CA VAL B 8 34.23 3.90 21.07
C VAL B 8 34.41 2.63 20.26
N SER B 9 33.34 2.17 19.60
CA SER B 9 33.40 0.94 18.82
C SER B 9 34.53 0.95 17.80
N THR B 10 34.69 2.01 17.02
CA THR B 10 35.80 2.10 16.09
C THR B 10 36.06 3.57 15.73
N LEU B 11 37.24 3.86 15.18
CA LEU B 11 37.54 5.20 14.71
C LEU B 11 37.87 5.11 13.22
N ASN B 12 37.44 4.01 12.60
CA ASN B 12 37.67 3.67 11.22
C ASN B 12 36.58 4.15 10.30
N ASN B 13 35.55 4.68 10.91
CA ASN B 13 34.34 5.15 10.20
C ASN B 13 34.10 6.60 10.60
N PRO B 14 33.75 7.45 9.65
CA PRO B 14 33.48 8.85 9.88
C PRO B 14 32.36 9.11 10.89
N PHE B 15 31.32 8.29 10.90
CA PHE B 15 30.24 8.41 11.86
C PHE B 15 30.79 8.41 13.29
N PHE B 16 31.67 7.44 13.60
CA PHE B 16 32.22 7.31 14.94
C PHE B 16 33.31 8.33 15.23
N VAL B 17 33.95 8.88 14.21
CA VAL B 17 34.94 9.94 14.44
C VAL B 17 34.18 11.21 14.82
N SER B 18 33.05 11.48 14.17
CA SER B 18 32.18 12.60 14.57
C SER B 18 31.64 12.37 15.99
N LEU B 19 31.26 11.14 16.32
CA LEU B 19 30.79 10.84 17.66
C LEU B 19 31.87 11.22 18.66
N LYS B 20 33.12 10.82 18.41
CA LYS B 20 34.22 11.20 19.30
C LYS B 20 34.42 12.71 19.33
N ASP B 21 34.43 13.36 18.19
CA ASP B 21 34.63 14.80 18.10
C ASP B 21 33.56 15.57 18.89
N GLY B 22 32.30 15.21 18.74
CA GLY B 22 31.19 15.83 19.48
C GLY B 22 31.38 15.66 20.98
N ALA B 23 31.83 14.50 21.43
CA ALA B 23 32.09 14.22 22.82
C ALA B 23 33.28 15.03 23.34
N GLN B 24 34.32 15.15 22.53
CA GLN B 24 35.50 15.92 22.89
C GLN B 24 35.13 17.40 23.09
N LYS B 25 34.47 17.96 22.09
CA LYS B 25 34.04 19.36 22.14
C LYS B 25 33.15 19.62 23.36
N GLU B 26 32.17 18.77 23.66
CA GLU B 26 31.29 18.99 24.82
C GLU B 26 32.05 18.82 26.12
N ALA B 27 32.98 17.89 26.21
CA ALA B 27 33.80 17.67 27.39
C ALA B 27 34.70 18.87 27.69
N ASP B 28 35.34 19.43 26.66
CA ASP B 28 36.16 20.62 26.84
C ASP B 28 35.30 21.76 27.39
N LYS B 29 34.13 21.91 26.80
CA LYS B 29 33.16 22.93 27.16
C LYS B 29 32.69 22.83 28.60
N LEU B 30 32.49 21.62 29.10
CA LEU B 30 32.04 21.40 30.47
C LEU B 30 33.18 21.27 31.46
N GLY B 31 34.43 21.34 30.99
CA GLY B 31 35.59 21.31 31.85
C GLY B 31 36.12 19.95 32.23
N TYR B 32 35.93 18.95 31.38
CA TYR B 32 36.42 17.61 31.66
C TYR B 32 37.55 17.19 30.73
N ASN B 33 38.30 16.21 31.24
CA ASN B 33 39.34 15.55 30.50
C ASN B 33 38.74 14.28 29.89
N LEU B 34 38.68 14.19 28.57
CA LEU B 34 38.11 12.98 27.97
C LEU B 34 39.18 11.97 27.57
N VAL B 35 39.09 10.78 28.14
CA VAL B 35 40.00 9.70 27.75
C VAL B 35 39.27 8.87 26.68
N VAL B 36 39.82 8.75 25.48
CA VAL B 36 39.15 8.01 24.42
C VAL B 36 39.86 6.71 24.08
N LEU B 37 39.16 5.59 24.14
CA LEU B 37 39.73 4.29 23.82
C LEU B 37 39.00 3.66 22.63
N ASP B 38 39.76 3.23 21.63
CA ASP B 38 39.23 2.64 20.41
C ASP B 38 39.17 1.11 20.55
N SER B 39 38.00 0.53 20.29
CA SER B 39 37.81 -0.90 20.40
C SER B 39 38.16 -1.62 19.10
N GLN B 40 38.34 -0.87 18.02
CA GLN B 40 38.67 -1.42 16.71
C GLN B 40 37.69 -2.48 16.25
N ASN B 41 36.42 -2.29 16.56
CA ASN B 41 35.30 -3.17 16.26
C ASN B 41 35.49 -4.59 16.74
N ASN B 42 36.13 -4.78 17.89
CA ASN B 42 36.41 -6.08 18.45
C ASN B 42 36.00 -6.11 19.91
N PRO B 43 35.00 -6.92 20.24
CA PRO B 43 34.51 -7.08 21.59
C PRO B 43 35.59 -7.43 22.59
N ALA B 44 36.59 -8.23 22.23
CA ALA B 44 37.67 -8.53 23.17
C ALA B 44 38.46 -7.27 23.53
N LYS B 45 38.80 -6.43 22.56
CA LYS B 45 39.51 -5.18 22.82
C LYS B 45 38.63 -4.20 23.59
N GLU B 46 37.33 -4.17 23.30
CA GLU B 46 36.38 -3.36 24.04
C GLU B 46 36.38 -3.78 25.50
N LEU B 47 36.37 -5.09 25.73
CA LEU B 47 36.41 -5.64 27.08
C LEU B 47 37.69 -5.20 27.77
N ALA B 48 38.82 -5.29 27.07
CA ALA B 48 40.10 -4.88 27.65
C ALA B 48 40.12 -3.39 27.96
N ASN B 49 39.54 -2.58 27.08
CA ASN B 49 39.48 -1.14 27.32
C ASN B 49 38.72 -0.83 28.60
N VAL B 50 37.57 -1.47 28.77
CA VAL B 50 36.77 -1.24 29.99
C VAL B 50 37.52 -1.72 31.22
N GLN B 51 38.24 -2.82 31.16
CA GLN B 51 38.98 -3.29 32.34
C GLN B 51 40.08 -2.29 32.71
N ASP B 52 40.81 -1.81 31.71
CA ASP B 52 41.83 -0.80 31.89
C ASP B 52 41.27 0.42 32.62
N LEU B 53 40.14 0.93 32.13
CA LEU B 53 39.47 2.08 32.73
C LEU B 53 39.02 1.84 34.17
N THR B 54 38.51 0.67 34.52
CA THR B 54 38.05 0.41 35.88
C THR B 54 39.16 0.55 36.91
N VAL B 55 40.31 -0.04 36.65
CA VAL B 55 41.45 0.04 37.56
C VAL B 55 42.09 1.42 37.61
N ARG B 56 41.79 2.31 36.67
CA ARG B 56 42.32 3.67 36.65
C ARG B 56 41.30 4.66 37.22
N GLY B 57 40.36 4.16 38.01
CA GLY B 57 39.32 4.93 38.66
C GLY B 57 38.65 5.99 37.82
N THR B 58 37.97 5.61 36.76
CA THR B 58 37.25 6.54 35.90
C THR B 58 35.92 6.87 36.58
N LYS B 59 35.50 8.13 36.55
CA LYS B 59 34.25 8.50 37.22
C LYS B 59 33.03 7.98 36.50
N ILE B 60 32.94 8.15 35.18
CA ILE B 60 31.80 7.67 34.41
C ILE B 60 32.31 6.98 33.14
N LEU B 61 31.62 5.94 32.69
CA LEU B 61 31.99 5.27 31.46
C LEU B 61 30.96 5.50 30.35
N LEU B 62 31.38 6.21 29.30
CA LEU B 62 30.53 6.39 28.14
C LEU B 62 30.95 5.26 27.18
N ILE B 63 30.06 4.31 26.90
CA ILE B 63 30.49 3.23 26.01
C ILE B 63 29.59 3.10 24.79
N ASN B 64 30.21 3.04 23.62
CA ASN B 64 29.52 2.83 22.34
C ASN B 64 29.86 1.40 21.94
N PRO B 65 28.97 0.47 22.31
CA PRO B 65 29.19 -0.94 22.08
C PRO B 65 29.53 -1.33 20.65
N THR B 66 30.42 -2.32 20.48
CA THR B 66 30.68 -2.82 19.13
C THR B 66 29.46 -3.66 18.73
N ASP B 67 28.89 -4.34 19.71
CA ASP B 67 27.69 -5.14 19.51
C ASP B 67 26.87 -5.18 20.79
N SER B 68 25.55 -4.99 20.67
CA SER B 68 24.67 -4.95 21.84
C SER B 68 24.74 -6.18 22.74
N ASP B 69 24.78 -7.36 22.12
CA ASP B 69 24.85 -8.60 22.89
C ASP B 69 26.22 -8.86 23.47
N ALA B 70 27.29 -8.60 22.72
CA ALA B 70 28.65 -8.86 23.18
C ALA B 70 29.16 -7.96 24.29
N VAL B 71 28.64 -6.75 24.44
CA VAL B 71 29.07 -5.79 25.45
C VAL B 71 28.64 -6.11 26.86
N GLY B 72 27.71 -7.04 27.06
CA GLY B 72 27.18 -7.41 28.34
C GLY B 72 28.19 -7.54 29.46
N ASN B 73 29.25 -8.33 29.27
CA ASN B 73 30.28 -8.54 30.28
C ASN B 73 31.11 -7.30 30.53
N ALA B 74 31.36 -6.49 29.50
CA ALA B 74 32.09 -5.24 29.69
C ALA B 74 31.31 -4.30 30.62
N VAL B 75 30.00 -4.21 30.42
CA VAL B 75 29.14 -3.39 31.28
C VAL B 75 29.19 -3.93 32.69
N LYS B 76 29.18 -5.24 32.86
CA LYS B 76 29.22 -5.87 34.18
C LYS B 76 30.52 -5.59 34.94
N MET B 77 31.65 -5.39 34.27
CA MET B 77 32.88 -5.04 34.98
C MET B 77 32.73 -3.64 35.57
N ALA B 78 32.11 -2.75 34.79
CA ALA B 78 31.85 -1.39 35.22
C ALA B 78 30.82 -1.36 36.34
N ASN B 79 29.77 -2.15 36.22
CA ASN B 79 28.72 -2.25 37.22
C ASN B 79 29.25 -2.69 38.58
N GLN B 80 30.16 -3.65 38.57
CA GLN B 80 30.80 -4.20 39.76
C GLN B 80 31.80 -3.24 40.38
N ALA B 81 32.40 -2.41 39.54
CA ALA B 81 33.37 -1.40 39.97
C ALA B 81 32.67 -0.10 40.38
N ASN B 82 31.36 -0.04 40.21
CA ASN B 82 30.53 1.09 40.57
C ASN B 82 30.70 2.32 39.69
N ILE B 83 31.13 2.13 38.46
CA ILE B 83 31.29 3.22 37.50
C ILE B 83 30.04 3.30 36.64
N PRO B 84 29.28 4.37 36.80
CA PRO B 84 28.06 4.59 36.04
C PRO B 84 28.32 4.38 34.55
N VAL B 85 27.40 3.71 33.87
CA VAL B 85 27.56 3.44 32.45
C VAL B 85 26.48 4.19 31.67
N ILE B 86 26.88 4.78 30.56
CA ILE B 86 25.96 5.46 29.66
C ILE B 86 26.30 4.91 28.26
N THR B 87 25.30 4.37 27.56
CA THR B 87 25.58 3.82 26.24
C THR B 87 25.27 4.83 25.14
N LEU B 88 26.01 4.70 24.05
CA LEU B 88 25.86 5.61 22.91
C LEU B 88 25.61 4.81 21.64
N ASP B 89 24.59 5.15 20.88
CA ASP B 89 24.23 4.55 19.61
C ASP B 89 23.60 3.17 19.72
N ARG B 90 24.30 2.21 20.32
CA ARG B 90 23.83 0.85 20.48
C ARG B 90 23.55 0.57 21.94
N GLN B 91 22.42 -0.07 22.23
CA GLN B 91 22.06 -0.40 23.60
C GLN B 91 22.87 -1.59 24.09
N ALA B 92 22.94 -1.78 25.40
CA ALA B 92 23.60 -2.94 25.97
C ALA B 92 22.48 -3.90 26.41
N THR B 93 22.42 -5.08 25.80
CA THR B 93 21.41 -6.06 26.13
C THR B 93 21.41 -6.43 27.60
N LYS B 94 22.57 -6.73 28.18
CA LYS B 94 22.69 -7.08 29.58
C LYS B 94 23.52 -6.02 30.32
N GLY B 95 23.37 -5.92 31.64
CA GLY B 95 24.14 -4.97 32.42
C GLY B 95 23.32 -3.74 32.79
N GLU B 96 23.68 -3.08 33.88
CA GLU B 96 22.95 -1.90 34.35
C GLU B 96 23.54 -0.63 33.73
N VAL B 97 22.68 0.08 33.02
CA VAL B 97 23.04 1.28 32.28
C VAL B 97 22.25 2.46 32.85
N VAL B 98 22.90 3.60 33.10
CA VAL B 98 22.20 4.74 33.66
C VAL B 98 21.39 5.50 32.63
N SER B 99 21.90 5.59 31.41
CA SER B 99 21.19 6.28 30.34
C SER B 99 21.73 5.85 28.97
N HIS B 100 20.85 5.87 27.98
CA HIS B 100 21.19 5.46 26.62
C HIS B 100 20.90 6.60 25.67
N ILE B 101 21.91 6.99 24.90
CA ILE B 101 21.79 8.11 23.98
C ILE B 101 21.98 7.61 22.56
N ALA B 102 20.95 7.77 21.75
CA ALA B 102 20.99 7.35 20.35
C ALA B 102 20.14 8.31 19.52
N SER B 103 20.13 8.10 18.22
CA SER B 103 19.31 8.96 17.37
C SER B 103 17.83 8.72 17.59
N ASP B 104 17.03 9.74 17.28
CA ASP B 104 15.58 9.64 17.37
C ASP B 104 15.07 8.98 16.09
N ASN B 105 15.19 7.66 16.04
CA ASN B 105 14.74 6.86 14.92
C ASN B 105 13.23 6.98 14.71
N VAL B 106 12.45 7.11 15.79
CA VAL B 106 11.01 7.32 15.65
C VAL B 106 10.74 8.60 14.87
N LEU B 107 11.37 9.71 15.26
CA LEU B 107 11.19 10.98 14.54
C LEU B 107 11.69 10.83 13.11
N GLY B 108 12.83 10.14 12.97
CA GLY B 108 13.37 9.87 11.64
C GLY B 108 12.32 9.27 10.72
N GLY B 109 11.72 8.16 11.14
CA GLY B 109 10.71 7.49 10.35
C GLY B 109 9.53 8.39 10.06
N LYS B 110 9.08 9.16 11.06
CA LYS B 110 7.95 10.08 10.88
C LYS B 110 8.31 11.15 9.84
N ILE B 111 9.51 11.70 9.97
CA ILE B 111 10.02 12.70 9.02
C ILE B 111 9.97 12.16 7.60
N ALA B 112 10.50 10.94 7.41
CA ALA B 112 10.50 10.32 6.08
C ALA B 112 9.08 10.25 5.52
N GLY B 113 8.14 9.79 6.35
CA GLY B 113 6.75 9.67 5.94
C GLY B 113 6.12 11.02 5.61
N ASP B 114 6.39 12.02 6.46
CA ASP B 114 5.85 13.36 6.18
C ASP B 114 6.32 13.82 4.80
N TYR B 115 7.60 13.66 4.50
CA TYR B 115 8.11 14.04 3.19
C TYR B 115 7.40 13.31 2.07
N ILE B 116 7.17 11.99 2.21
CA ILE B 116 6.43 11.25 1.19
C ILE B 116 5.05 11.87 0.99
N ALA B 117 4.38 12.21 2.08
CA ALA B 117 3.07 12.86 2.02
C ALA B 117 3.17 14.17 1.25
N LYS B 118 4.19 14.96 1.54
CA LYS B 118 4.40 16.23 0.85
C LYS B 118 4.51 16.03 -0.64
N LYS B 119 5.30 15.08 -1.10
CA LYS B 119 5.47 14.83 -2.52
C LYS B 119 4.45 13.91 -3.17
N ALA B 120 4.07 12.81 -2.55
CA ALA B 120 3.12 11.87 -3.17
C ALA B 120 1.69 12.19 -2.80
N GLY B 121 1.49 13.00 -1.75
CA GLY B 121 0.14 13.35 -1.36
C GLY B 121 -0.44 12.51 -0.22
N GLU B 122 -1.49 13.07 0.37
CA GLU B 122 -2.21 12.42 1.47
C GLU B 122 -2.90 11.19 0.91
N GLY B 123 -2.88 10.09 1.66
CA GLY B 123 -3.50 8.85 1.17
C GLY B 123 -2.64 8.13 0.14
N ALA B 124 -1.36 8.43 0.00
CA ALA B 124 -0.52 7.78 -0.97
C ALA B 124 -0.41 6.27 -0.72
N LYS B 125 -0.19 5.51 -1.80
CA LYS B 125 0.00 4.08 -1.71
C LYS B 125 1.50 3.86 -1.56
N VAL B 126 1.94 3.33 -0.41
CA VAL B 126 3.35 3.15 -0.16
C VAL B 126 3.77 1.72 0.17
N ILE B 127 5.07 1.48 0.00
CA ILE B 127 5.72 0.23 0.35
C ILE B 127 6.84 0.56 1.34
N GLU B 128 7.00 -0.24 2.39
CA GLU B 128 8.06 -0.03 3.35
C GLU B 128 9.03 -1.22 3.34
N LEU B 129 10.32 -0.92 3.28
CA LEU B 129 11.37 -1.93 3.32
C LEU B 129 11.98 -1.87 4.72
N GLN B 130 11.72 -2.86 5.56
CA GLN B 130 12.22 -2.83 6.92
C GLN B 130 13.63 -3.39 7.04
N GLY B 131 14.29 -3.05 8.13
CA GLY B 131 15.64 -3.53 8.43
C GLY B 131 15.56 -4.88 9.14
N ILE B 132 16.69 -5.34 9.67
CA ILE B 132 16.73 -6.64 10.33
C ILE B 132 15.70 -6.74 11.46
N ALA B 133 14.86 -7.76 11.40
CA ALA B 133 13.83 -7.99 12.42
C ALA B 133 14.49 -8.20 13.78
N GLY B 134 13.98 -7.53 14.82
CA GLY B 134 14.54 -7.65 16.16
C GLY B 134 15.44 -6.48 16.55
N THR B 135 16.11 -5.83 15.60
CA THR B 135 16.99 -4.70 15.92
C THR B 135 16.21 -3.47 16.37
N SER B 136 16.78 -2.65 17.25
CA SER B 136 16.07 -1.46 17.73
C SER B 136 15.86 -0.43 16.62
N ALA B 137 16.80 -0.31 15.69
CA ALA B 137 16.64 0.64 14.60
C ALA B 137 15.44 0.32 13.72
N ALA B 138 15.28 -0.95 13.34
CA ALA B 138 14.13 -1.34 12.52
C ALA B 138 12.81 -1.10 13.22
N ARG B 139 12.75 -1.38 14.52
CA ARG B 139 11.55 -1.22 15.33
C ARG B 139 11.16 0.25 15.48
N GLU B 140 12.10 1.09 15.89
CA GLU B 140 11.84 2.52 16.08
C GLU B 140 11.56 3.25 14.79
N ARG B 141 12.31 2.93 13.73
CA ARG B 141 12.06 3.58 12.43
C ARG B 141 10.68 3.17 11.94
N GLY B 142 10.33 1.89 12.15
CA GLY B 142 9.01 1.38 11.79
C GLY B 142 7.87 2.06 12.53
N GLU B 143 7.98 2.27 13.85
CA GLU B 143 6.87 2.96 14.52
C GLU B 143 6.80 4.42 14.10
N GLY B 144 7.93 5.07 13.87
CA GLY B 144 7.92 6.46 13.41
C GLY B 144 7.15 6.56 12.10
N PHE B 145 7.46 5.68 11.15
CA PHE B 145 6.79 5.63 9.87
C PHE B 145 5.29 5.39 10.04
N GLN B 146 4.90 4.54 10.99
CA GLN B 146 3.51 4.29 11.29
C GLN B 146 2.82 5.55 11.76
N GLN B 147 3.52 6.42 12.51
CA GLN B 147 2.93 7.71 12.89
C GLN B 147 2.57 8.52 11.64
N ALA B 148 3.43 8.52 10.61
CA ALA B 148 3.13 9.22 9.36
C ALA B 148 2.06 8.48 8.56
N VAL B 149 2.02 7.15 8.67
CA VAL B 149 0.98 6.37 8.00
C VAL B 149 -0.40 6.79 8.52
N ALA B 150 -0.53 6.94 9.83
CA ALA B 150 -1.79 7.38 10.44
C ALA B 150 -2.14 8.83 10.08
N ALA B 151 -1.21 9.74 10.38
CA ALA B 151 -1.44 11.16 10.14
C ALA B 151 -1.74 11.46 8.68
N HIS B 152 -0.99 10.85 7.75
CA HIS B 152 -1.23 11.11 6.33
C HIS B 152 -2.12 10.09 5.64
N LYS B 153 -2.73 9.17 6.40
CA LYS B 153 -3.65 8.20 5.83
C LYS B 153 -3.03 7.34 4.72
N PHE B 154 -1.79 6.90 4.89
CA PHE B 154 -1.13 6.10 3.89
C PHE B 154 -1.74 4.69 3.79
N ASN B 155 -1.72 4.17 2.57
CA ASN B 155 -2.14 2.82 2.27
C ASN B 155 -0.84 2.03 2.10
N VAL B 156 -0.45 1.26 3.10
CA VAL B 156 0.80 0.50 2.99
C VAL B 156 0.51 -0.80 2.23
N LEU B 157 0.87 -0.82 0.95
CA LEU B 157 0.64 -1.96 0.08
C LEU B 157 1.38 -3.19 0.59
N ALA B 158 2.62 -2.96 1.01
CA ALA B 158 3.44 -4.05 1.53
C ALA B 158 4.46 -3.48 2.51
N SER B 159 4.88 -4.28 3.46
CA SER B 159 5.88 -3.92 4.45
C SER B 159 6.68 -5.18 4.76
N GLN B 160 7.91 -5.26 4.27
CA GLN B 160 8.72 -6.45 4.47
C GLN B 160 10.18 -6.13 4.76
N PRO B 161 10.86 -7.06 5.43
CA PRO B 161 12.25 -6.87 5.78
C PRO B 161 13.17 -7.10 4.59
N ALA B 162 14.24 -6.31 4.50
CA ALA B 162 15.25 -6.48 3.46
C ALA B 162 16.60 -6.44 4.18
N ASP B 163 16.51 -6.64 5.49
CA ASP B 163 17.60 -6.73 6.44
C ASP B 163 18.70 -5.67 6.32
N PHE B 164 18.39 -4.44 5.97
CA PHE B 164 19.38 -3.38 5.85
C PHE B 164 20.46 -3.69 4.81
N ASP B 165 20.14 -4.47 3.79
CA ASP B 165 21.08 -4.89 2.78
C ASP B 165 20.66 -4.40 1.40
N ARG B 166 21.63 -4.02 0.57
CA ARG B 166 21.32 -3.52 -0.77
C ARG B 166 20.85 -4.64 -1.68
N ILE B 167 21.49 -5.80 -1.65
CA ILE B 167 21.05 -6.90 -2.53
C ILE B 167 19.66 -7.39 -2.15
N LYS B 168 19.39 -7.54 -0.84
CA LYS B 168 18.06 -7.98 -0.42
C LYS B 168 17.03 -6.90 -0.71
N GLY B 169 17.45 -5.65 -0.56
CA GLY B 169 16.59 -4.50 -0.84
C GLY B 169 16.17 -4.52 -2.31
N LEU B 170 17.12 -4.85 -3.17
CA LEU B 170 16.88 -4.96 -4.60
C LEU B 170 15.88 -6.09 -4.90
N ASN B 171 16.18 -7.27 -4.38
CA ASN B 171 15.34 -8.44 -4.62
C ASN B 171 13.96 -8.31 -4.02
N VAL B 172 13.85 -7.84 -2.77
CA VAL B 172 12.54 -7.66 -2.16
C VAL B 172 11.72 -6.63 -2.91
N MET B 173 12.31 -5.50 -3.29
CA MET B 173 11.60 -4.46 -4.04
C MET B 173 11.11 -5.02 -5.38
N GLN B 174 11.97 -5.79 -6.04
CA GLN B 174 11.63 -6.44 -7.29
C GLN B 174 10.36 -7.29 -7.17
N ASN B 175 10.28 -8.13 -6.13
CA ASN B 175 9.09 -8.94 -5.93
C ASN B 175 7.88 -8.07 -5.60
N LEU B 176 8.05 -7.12 -4.68
CA LEU B 176 6.94 -6.27 -4.26
C LEU B 176 6.41 -5.43 -5.41
N LEU B 177 7.32 -4.99 -6.29
CA LEU B 177 6.99 -4.21 -7.45
C LEU B 177 6.03 -4.92 -8.39
N THR B 178 6.34 -6.18 -8.72
CA THR B 178 5.47 -6.95 -9.60
C THR B 178 4.14 -7.25 -8.91
N ALA B 179 4.15 -7.52 -7.62
CA ALA B 179 2.94 -7.79 -6.85
C ALA B 179 2.09 -6.56 -6.58
N HIS B 180 2.70 -5.38 -6.48
CA HIS B 180 2.04 -4.12 -6.20
C HIS B 180 2.58 -3.02 -7.11
N PRO B 181 2.12 -3.00 -8.35
CA PRO B 181 2.59 -2.06 -9.35
C PRO B 181 2.04 -0.65 -9.20
N ASP B 182 1.02 -0.48 -8.37
CA ASP B 182 0.38 0.80 -8.10
C ASP B 182 1.07 1.57 -6.97
N VAL B 183 2.24 1.12 -6.54
CA VAL B 183 2.99 1.78 -5.47
C VAL B 183 3.42 3.18 -5.90
N GLN B 184 3.22 4.18 -5.03
CA GLN B 184 3.59 5.54 -5.38
C GLN B 184 4.90 5.97 -4.72
N ALA B 185 5.20 5.38 -3.56
CA ALA B 185 6.41 5.75 -2.84
C ALA B 185 6.93 4.62 -1.96
N VAL B 186 8.24 4.65 -1.73
CA VAL B 186 8.88 3.63 -0.92
C VAL B 186 9.62 4.30 0.24
N PHE B 187 9.54 3.72 1.42
CA PHE B 187 10.35 4.16 2.55
C PHE B 187 11.24 2.96 2.91
N ALA B 188 12.54 3.12 2.76
CA ALA B 188 13.49 2.08 3.10
C ALA B 188 14.18 2.48 4.40
N GLN B 189 14.32 1.57 5.35
CA GLN B 189 14.88 1.93 6.66
C GLN B 189 16.37 2.13 6.71
N ASN B 190 17.06 2.14 5.58
CA ASN B 190 18.46 2.50 5.49
C ASN B 190 18.77 2.79 4.01
N ASP B 191 19.86 3.52 3.76
CA ASP B 191 20.24 3.86 2.41
C ASP B 191 20.60 2.65 1.56
N GLU B 192 21.23 1.63 2.14
CA GLU B 192 21.51 0.41 1.37
C GLU B 192 20.24 -0.16 0.74
N MET B 193 19.21 -0.41 1.56
CA MET B 193 17.93 -0.87 1.05
C MET B 193 17.33 0.11 0.07
N ALA B 194 17.39 1.42 0.34
CA ALA B 194 16.84 2.42 -0.58
C ALA B 194 17.54 2.37 -1.93
N LEU B 195 18.87 2.26 -1.89
CA LEU B 195 19.63 2.19 -3.15
C LEU B 195 19.29 0.89 -3.87
N GLY B 196 19.24 -0.22 -3.11
CA GLY B 196 18.83 -1.50 -3.71
C GLY B 196 17.46 -1.34 -4.37
N ALA B 197 16.50 -0.75 -3.67
CA ALA B 197 15.16 -0.51 -4.19
C ALA B 197 15.16 0.40 -5.41
N LEU B 198 16.05 1.38 -5.44
CA LEU B 198 16.21 2.28 -6.57
C LEU B 198 16.63 1.51 -7.82
N ARG B 199 17.63 0.65 -7.64
CA ARG B 199 18.13 -0.21 -8.71
C ARG B 199 16.99 -1.06 -9.25
N ALA B 200 16.22 -1.70 -8.37
CA ALA B 200 15.07 -2.50 -8.78
C ALA B 200 14.07 -1.69 -9.59
N LEU B 201 13.70 -0.50 -9.13
CA LEU B 201 12.74 0.35 -9.83
C LEU B 201 13.28 0.83 -11.17
N GLN B 202 14.58 1.13 -11.24
CA GLN B 202 15.21 1.59 -12.47
C GLN B 202 15.10 0.50 -13.54
N THR B 203 15.37 -0.74 -13.14
CA THR B 203 15.29 -1.91 -13.98
C THR B 203 13.88 -2.19 -14.49
N ALA B 204 12.83 -1.85 -13.75
CA ALA B 204 11.47 -2.08 -14.19
C ALA B 204 10.91 -0.86 -14.93
N GLY B 205 11.68 0.20 -15.04
CA GLY B 205 11.26 1.42 -15.72
C GLY B 205 10.29 2.24 -14.87
N LYS B 206 10.51 2.25 -13.56
CA LYS B 206 9.66 2.99 -12.64
C LYS B 206 10.47 3.89 -11.73
N SER B 207 11.03 4.97 -12.29
CA SER B 207 11.81 5.94 -11.52
C SER B 207 10.93 7.12 -11.10
N ASP B 208 9.64 7.01 -11.38
CA ASP B 208 8.63 7.99 -11.01
C ASP B 208 8.12 7.74 -9.59
N VAL B 209 8.44 6.58 -9.06
CA VAL B 209 8.09 6.15 -7.71
C VAL B 209 9.19 6.66 -6.77
N MET B 210 8.85 7.64 -5.93
CA MET B 210 9.88 8.19 -5.04
C MET B 210 10.34 7.20 -3.99
N VAL B 211 11.63 7.26 -3.69
CA VAL B 211 12.25 6.44 -2.66
C VAL B 211 12.88 7.35 -1.62
N VAL B 212 12.62 7.08 -0.34
CA VAL B 212 13.17 7.83 0.76
C VAL B 212 14.01 6.86 1.61
N GLY B 213 15.28 7.15 1.81
CA GLY B 213 16.15 6.29 2.61
C GLY B 213 16.33 6.77 4.04
N PHE B 214 17.41 6.34 4.67
CA PHE B 214 17.70 6.69 6.06
C PHE B 214 19.16 6.38 6.37
N ASP B 215 19.87 7.25 7.06
CA ASP B 215 21.23 7.10 7.53
C ASP B 215 22.12 8.26 7.11
N GLY B 216 21.90 8.77 5.90
CA GLY B 216 22.69 9.88 5.39
C GLY B 216 24.12 9.47 5.05
N THR B 217 24.30 8.27 4.53
CA THR B 217 25.58 7.75 4.12
C THR B 217 26.11 8.47 2.88
N PRO B 218 27.41 8.35 2.63
CA PRO B 218 28.03 8.92 1.44
C PRO B 218 27.29 8.51 0.18
N ASP B 219 27.02 7.22 0.02
CA ASP B 219 26.30 6.71 -1.13
C ASP B 219 24.85 7.22 -1.18
N GLY B 220 24.21 7.27 -0.03
CA GLY B 220 22.84 7.76 0.08
C GLY B 220 22.72 9.24 -0.30
N GLU B 221 23.55 10.09 0.32
CA GLU B 221 23.55 11.52 0.04
C GLU B 221 23.98 11.80 -1.39
N LYS B 222 24.91 11.03 -1.93
CA LYS B 222 25.30 11.15 -3.33
C LYS B 222 24.10 10.93 -4.23
N ALA B 223 23.33 9.87 -3.95
CA ALA B 223 22.14 9.52 -4.71
C ALA B 223 21.09 10.64 -4.70
N VAL B 224 20.97 11.33 -3.58
CA VAL B 224 20.05 12.45 -3.47
C VAL B 224 20.51 13.62 -4.32
N ASN B 225 21.80 13.92 -4.32
CA ASN B 225 22.36 15.02 -5.10
C ASN B 225 22.21 14.78 -6.59
N ASP B 226 22.28 13.53 -7.03
CA ASP B 226 22.12 13.15 -8.42
C ASP B 226 20.68 13.18 -8.88
N GLY B 227 19.73 13.30 -7.97
CA GLY B 227 18.31 13.35 -8.33
C GLY B 227 17.74 11.93 -8.47
N LYS B 228 18.42 10.95 -7.89
CA LYS B 228 17.94 9.56 -7.95
C LYS B 228 17.10 9.24 -6.73
N LEU B 229 17.69 9.43 -5.55
CA LEU B 229 17.03 9.23 -4.26
C LEU B 229 16.26 10.49 -3.89
N ALA B 230 14.96 10.39 -3.63
CA ALA B 230 14.19 11.59 -3.28
C ALA B 230 14.69 12.24 -2.00
N ALA B 231 15.12 11.45 -1.02
CA ALA B 231 15.60 12.01 0.24
C ALA B 231 16.22 10.94 1.12
N THR B 232 16.89 11.40 2.18
CA THR B 232 17.46 10.53 3.19
C THR B 232 17.42 11.29 4.52
N ILE B 233 17.56 10.53 5.59
CA ILE B 233 17.52 11.07 6.95
C ILE B 233 18.95 10.96 7.50
N ALA B 234 19.62 12.10 7.69
CA ALA B 234 21.00 12.04 8.18
C ALA B 234 21.06 12.13 9.71
N GLN B 235 21.86 11.24 10.29
CA GLN B 235 22.05 11.22 11.74
C GLN B 235 23.07 12.27 12.13
N LEU B 236 23.17 12.55 13.43
CA LEU B 236 24.10 13.55 13.95
C LEU B 236 24.95 12.92 15.04
N PRO B 237 25.94 12.14 14.64
CA PRO B 237 26.80 11.41 15.55
C PRO B 237 27.54 12.29 16.55
N ASP B 238 27.97 13.47 16.12
CA ASP B 238 28.61 14.43 17.02
C ASP B 238 27.65 14.78 18.17
N GLN B 239 26.38 14.99 17.86
CA GLN B 239 25.39 15.29 18.89
C GLN B 239 25.18 14.11 19.83
N ILE B 240 25.36 12.86 19.38
CA ILE B 240 25.26 11.71 20.27
C ILE B 240 26.39 11.76 21.29
N GLY B 241 27.61 12.02 20.80
CA GLY B 241 28.75 12.11 21.71
C GLY B 241 28.60 13.30 22.67
N ALA B 242 28.18 14.45 22.16
CA ALA B 242 28.00 15.64 22.99
C ALA B 242 26.95 15.37 24.07
N LYS B 243 25.76 14.91 23.69
CA LYS B 243 24.70 14.60 24.64
C LYS B 243 25.12 13.57 25.67
N GLY B 244 25.93 12.60 25.27
CA GLY B 244 26.45 11.59 26.19
C GLY B 244 27.34 12.23 27.26
N VAL B 245 28.24 13.12 26.84
CA VAL B 245 29.11 13.79 27.79
C VAL B 245 28.31 14.64 28.76
N GLU B 246 27.30 15.35 28.25
CA GLU B 246 26.45 16.21 29.06
C GLU B 246 25.61 15.43 30.05
N THR B 247 25.12 14.25 29.64
CA THR B 247 24.39 13.37 30.55
C THR B 247 25.34 12.80 31.60
N ALA B 248 26.59 12.53 31.24
CA ALA B 248 27.56 12.06 32.23
C ALA B 248 27.76 13.16 33.28
N ASP B 249 27.86 14.40 32.81
CA ASP B 249 28.01 15.58 33.65
C ASP B 249 26.85 15.72 34.63
N LYS B 250 25.62 15.61 34.13
CA LYS B 250 24.45 15.65 35.02
C LYS B 250 24.56 14.57 36.09
N VAL B 251 24.89 13.34 35.69
CA VAL B 251 25.07 12.26 36.65
C VAL B 251 26.11 12.63 37.70
N LEU B 252 27.23 13.22 37.28
CA LEU B 252 28.28 13.61 38.21
C LEU B 252 27.89 14.77 39.12
N LYS B 253 26.89 15.57 38.77
CA LYS B 253 26.42 16.67 39.58
C LYS B 253 25.29 16.26 40.51
N GLY B 254 25.07 14.97 40.68
CA GLY B 254 24.07 14.41 41.57
C GLY B 254 22.63 14.51 41.06
N GLU B 255 22.46 14.63 39.76
CA GLU B 255 21.15 14.71 39.13
C GLU B 255 20.66 13.35 38.67
N LYS B 256 19.34 13.21 38.57
CA LYS B 256 18.78 11.95 38.06
C LYS B 256 18.50 12.16 36.58
N VAL B 257 18.99 11.28 35.72
CA VAL B 257 18.84 11.44 34.29
C VAL B 257 17.76 10.57 33.68
N GLN B 258 17.23 10.97 32.52
CA GLN B 258 16.24 10.12 31.85
C GLN B 258 16.94 8.87 31.34
N ALA B 259 16.14 7.83 31.08
CA ALA B 259 16.67 6.56 30.59
C ALA B 259 17.19 6.71 29.16
N LYS B 260 16.52 7.53 28.37
CA LYS B 260 16.89 7.77 26.99
C LYS B 260 16.86 9.25 26.65
N TYR B 261 17.72 9.68 25.75
CA TYR B 261 17.77 11.05 25.25
C TYR B 261 17.94 10.98 23.73
N PRO B 262 16.84 10.73 23.03
CA PRO B 262 16.86 10.59 21.58
C PRO B 262 17.39 11.83 20.89
N VAL B 263 18.47 11.68 20.12
CA VAL B 263 19.10 12.80 19.44
C VAL B 263 18.39 13.16 18.14
N ASP B 264 18.31 14.44 17.81
CA ASP B 264 17.66 14.91 16.60
C ASP B 264 18.41 14.49 15.34
N LEU B 265 17.78 14.56 14.18
CA LEU B 265 18.38 14.19 12.91
C LEU B 265 17.78 15.09 11.82
N LYS B 266 18.40 15.07 10.62
CA LYS B 266 17.91 15.98 9.59
C LYS B 266 17.50 15.32 8.28
N LEU B 267 16.50 15.95 7.66
CA LEU B 267 15.99 15.53 6.37
C LEU B 267 16.92 16.07 5.28
N VAL B 268 17.43 15.19 4.43
CA VAL B 268 18.34 15.60 3.37
C VAL B 268 17.66 15.50 2.01
N VAL B 269 17.43 16.64 1.37
CA VAL B 269 16.79 16.66 0.05
C VAL B 269 17.75 17.36 -0.92
N LYS B 270 17.41 17.34 -2.20
CA LYS B 270 18.27 18.00 -3.18
C LYS B 270 18.17 19.52 -3.01
N GLN B 271 19.30 20.16 -2.73
CA GLN B 271 19.45 21.59 -2.52
C GLN B 271 19.59 21.96 -1.04
N LYS C 1 4.72 -32.33 -64.53
CA LYS C 1 5.61 -32.10 -63.35
C LYS C 1 4.79 -31.95 -62.07
N ASP C 2 4.31 -30.78 -61.82
CA ASP C 2 3.50 -30.21 -60.78
C ASP C 2 4.34 -29.24 -59.94
N THR C 3 3.66 -28.17 -59.50
CA THR C 3 4.34 -27.15 -58.71
C THR C 3 3.81 -27.02 -57.28
N ILE C 4 4.76 -26.99 -56.36
CA ILE C 4 4.54 -26.75 -54.95
C ILE C 4 5.15 -25.36 -54.70
N ALA C 5 4.44 -24.54 -53.95
CA ALA C 5 4.95 -23.20 -53.67
C ALA C 5 5.35 -23.07 -52.20
N LEU C 6 6.43 -22.33 -51.98
CA LEU C 6 6.89 -22.07 -50.63
C LEU C 6 6.98 -20.57 -50.40
N VAL C 7 6.16 -20.07 -49.48
CA VAL C 7 6.23 -18.68 -49.08
C VAL C 7 7.06 -18.68 -47.78
N VAL C 8 8.27 -18.15 -47.88
CA VAL C 8 9.16 -18.14 -46.72
C VAL C 8 9.21 -16.77 -46.06
N SER C 9 9.21 -16.74 -44.74
CA SER C 9 9.21 -15.48 -44.00
C SER C 9 10.34 -14.56 -44.45
N THR C 10 11.56 -15.08 -44.56
CA THR C 10 12.69 -14.27 -45.00
C THR C 10 13.81 -15.17 -45.52
N LEU C 11 14.71 -14.58 -46.30
CA LEU C 11 15.89 -15.31 -46.78
C LEU C 11 17.13 -14.57 -46.32
N ASN C 12 16.96 -13.76 -45.27
CA ASN C 12 17.96 -12.91 -44.66
C ASN C 12 18.59 -13.52 -43.41
N ASN C 13 18.12 -14.72 -43.08
CA ASN C 13 18.58 -15.47 -41.92
C ASN C 13 18.93 -16.88 -42.40
N PRO C 14 20.04 -17.43 -41.91
CA PRO C 14 20.51 -18.74 -42.30
C PRO C 14 19.52 -19.85 -41.98
N PHE C 15 18.78 -19.73 -40.88
CA PHE C 15 17.77 -20.70 -40.51
C PHE C 15 16.75 -20.87 -41.62
N PHE C 16 16.27 -19.76 -42.17
CA PHE C 16 15.27 -19.81 -43.24
C PHE C 16 15.85 -20.14 -44.60
N VAL C 17 17.14 -19.89 -44.81
CA VAL C 17 17.80 -20.34 -46.05
C VAL C 17 17.89 -21.85 -46.01
N SER C 18 18.24 -22.44 -44.86
CA SER C 18 18.27 -23.89 -44.73
C SER C 18 16.85 -24.46 -44.91
N LEU C 19 15.85 -23.79 -44.35
CA LEU C 19 14.48 -24.25 -44.53
C LEU C 19 14.17 -24.32 -46.03
N LYS C 20 14.48 -23.27 -46.78
CA LYS C 20 14.28 -23.30 -48.22
C LYS C 20 15.10 -24.43 -48.88
N ASP C 21 16.38 -24.54 -48.54
CA ASP C 21 17.25 -25.55 -49.16
C ASP C 21 16.73 -26.96 -48.93
N GLY C 22 16.31 -27.30 -47.72
CA GLY C 22 15.74 -28.59 -47.41
C GLY C 22 14.47 -28.88 -48.21
N ALA C 23 13.61 -27.87 -48.39
CA ALA C 23 12.42 -27.97 -49.21
C ALA C 23 12.74 -28.15 -50.68
N GLN C 24 13.76 -27.45 -51.17
CA GLN C 24 14.18 -27.58 -52.57
C GLN C 24 14.70 -29.00 -52.85
N LYS C 25 15.59 -29.49 -51.99
CA LYS C 25 16.14 -30.83 -52.14
C LYS C 25 15.03 -31.89 -52.13
N GLU C 26 14.12 -31.83 -51.16
CA GLU C 26 13.05 -32.82 -51.11
C GLU C 26 12.12 -32.71 -52.31
N ALA C 27 11.81 -31.50 -52.76
CA ALA C 27 10.97 -31.31 -53.93
C ALA C 27 11.58 -31.91 -55.20
N ASP C 28 12.89 -31.67 -55.39
CA ASP C 28 13.59 -32.24 -56.55
C ASP C 28 13.48 -33.77 -56.50
N LYS C 29 13.75 -34.30 -55.32
CA LYS C 29 13.69 -35.72 -55.04
C LYS C 29 12.34 -36.35 -55.31
N LEU C 30 11.27 -35.65 -54.98
CA LEU C 30 9.92 -36.15 -55.22
C LEU C 30 9.38 -35.79 -56.60
N GLY C 31 10.14 -35.06 -57.41
CA GLY C 31 9.76 -34.72 -58.76
C GLY C 31 8.91 -33.48 -58.92
N TYR C 32 8.99 -32.53 -57.99
CA TYR C 32 8.20 -31.32 -58.10
C TYR C 32 9.05 -30.10 -58.47
N ASN C 33 8.33 -29.10 -58.97
CA ASN C 33 8.88 -27.77 -59.24
C ASN C 33 8.55 -26.88 -58.06
N LEU C 34 9.56 -26.41 -57.33
CA LEU C 34 9.27 -25.57 -56.17
C LEU C 34 9.35 -24.09 -56.49
N VAL C 35 8.26 -23.37 -56.30
CA VAL C 35 8.27 -21.91 -56.51
C VAL C 35 8.50 -21.31 -55.13
N VAL C 36 9.54 -20.50 -54.97
CA VAL C 36 9.85 -19.92 -53.66
C VAL C 36 9.65 -18.42 -53.64
N LEU C 37 8.81 -17.94 -52.71
CA LEU C 37 8.58 -16.50 -52.60
C LEU C 37 9.03 -16.02 -51.22
N ASP C 38 9.82 -14.96 -51.22
CA ASP C 38 10.37 -14.36 -50.01
C ASP C 38 9.46 -13.23 -49.54
N SER C 39 9.06 -13.26 -48.27
CA SER C 39 8.18 -12.26 -47.70
C SER C 39 8.94 -11.07 -47.13
N GLN C 40 10.26 -11.23 -46.99
CA GLN C 40 11.12 -10.18 -46.46
C GLN C 40 10.69 -9.70 -45.08
N ASN C 41 10.20 -10.61 -44.26
CA ASN C 41 9.69 -10.40 -42.93
C ASN C 41 8.60 -9.34 -42.85
N ASN C 42 7.77 -9.25 -43.87
CA ASN C 42 6.70 -8.25 -43.94
C ASN C 42 5.37 -8.90 -44.30
N PRO C 43 4.43 -8.91 -43.37
CA PRO C 43 3.11 -9.47 -43.56
C PRO C 43 2.43 -8.97 -44.81
N ALA C 44 2.57 -7.70 -45.17
CA ALA C 44 1.97 -7.19 -46.40
C ALA C 44 2.54 -7.91 -47.61
N LYS C 45 3.85 -8.08 -47.71
CA LYS C 45 4.48 -8.78 -48.83
C LYS C 45 4.11 -10.26 -48.83
N GLU C 46 3.98 -10.87 -47.66
CA GLU C 46 3.56 -12.25 -47.49
C GLU C 46 2.15 -12.40 -48.06
N LEU C 47 1.28 -11.44 -47.70
CA LEU C 47 -0.08 -11.40 -48.21
C LEU C 47 -0.08 -11.29 -49.73
N ALA C 48 0.78 -10.43 -50.29
CA ALA C 48 0.88 -10.29 -51.73
C ALA C 48 1.40 -11.56 -52.39
N ASN C 49 2.38 -12.22 -51.76
CA ASN C 49 2.91 -13.48 -52.29
C ASN C 49 1.82 -14.53 -52.41
N VAL C 50 1.03 -14.69 -51.35
CA VAL C 50 -0.06 -15.68 -51.38
C VAL C 50 -1.10 -15.33 -52.42
N GLN C 51 -1.47 -14.06 -52.60
CA GLN C 51 -2.44 -13.69 -53.62
C GLN C 51 -1.91 -14.03 -55.02
N ASP C 52 -0.65 -13.70 -55.28
CA ASP C 52 0.01 -14.03 -56.54
C ASP C 52 -0.10 -15.52 -56.84
N LEU C 53 0.24 -16.35 -55.85
CA LEU C 53 0.17 -17.79 -55.97
C LEU C 53 -1.23 -18.32 -56.21
N THR C 54 -2.26 -17.74 -55.61
CA THR C 54 -3.62 -18.23 -55.79
C THR C 54 -4.08 -18.10 -57.23
N VAL C 55 -3.84 -16.95 -57.84
CA VAL C 55 -4.23 -16.72 -59.23
C VAL C 55 -3.41 -17.49 -60.23
N ARG C 56 -2.27 -18.05 -59.84
CA ARG C 56 -1.43 -18.86 -60.71
C ARG C 56 -1.67 -20.35 -60.49
N GLY C 57 -2.82 -20.69 -59.93
CA GLY C 57 -3.23 -22.05 -59.68
C GLY C 57 -2.20 -22.97 -59.07
N THR C 58 -1.72 -22.65 -57.87
CA THR C 58 -0.76 -23.50 -57.17
C THR C 58 -1.50 -24.67 -56.54
N LYS C 59 -0.93 -25.86 -56.60
CA LYS C 59 -1.63 -27.03 -56.03
C LYS C 59 -1.65 -27.01 -54.51
N ILE C 60 -0.53 -26.77 -53.85
CA ILE C 60 -0.45 -26.73 -52.40
C ILE C 60 0.38 -25.50 -51.97
N LEU C 61 0.02 -24.90 -50.86
CA LEU C 61 0.78 -23.76 -50.35
C LEU C 61 1.51 -24.11 -49.05
N LEU C 62 2.84 -24.12 -49.12
CA LEU C 62 3.66 -24.32 -47.93
C LEU C 62 3.95 -22.88 -47.45
N ILE C 63 3.48 -22.50 -46.28
CA ILE C 63 3.76 -21.13 -45.84
C ILE C 63 4.45 -21.08 -44.49
N ASN C 64 5.54 -20.33 -44.43
CA ASN C 64 6.26 -20.11 -43.15
C ASN C 64 5.92 -18.68 -42.76
N PRO C 65 4.94 -18.52 -41.89
CA PRO C 65 4.42 -17.21 -41.53
C PRO C 65 5.48 -16.28 -40.97
N THR C 66 5.36 -14.98 -41.29
CA THR C 66 6.27 -14.02 -40.67
C THR C 66 5.84 -13.87 -39.22
N ASP C 67 4.53 -13.93 -39.00
CA ASP C 67 3.96 -13.83 -37.66
C ASP C 67 2.67 -14.65 -37.61
N SER C 68 2.48 -15.41 -36.54
CA SER C 68 1.34 -16.28 -36.40
C SER C 68 0.00 -15.56 -36.50
N ASP C 69 -0.10 -14.42 -35.84
CA ASP C 69 -1.35 -13.67 -35.84
C ASP C 69 -1.57 -12.92 -37.14
N ALA C 70 -0.52 -12.38 -37.75
CA ALA C 70 -0.66 -11.61 -38.98
C ALA C 70 -0.99 -12.41 -40.22
N VAL C 71 -0.61 -13.68 -40.29
CA VAL C 71 -0.83 -14.55 -41.43
C VAL C 71 -2.27 -14.98 -41.65
N GLY C 72 -3.15 -14.80 -40.67
CA GLY C 72 -4.55 -15.18 -40.75
C GLY C 72 -5.23 -14.91 -42.07
N ASN C 73 -5.19 -13.68 -42.56
CA ASN C 73 -5.83 -13.32 -43.83
C ASN C 73 -5.17 -13.98 -45.03
N ALA C 74 -3.86 -14.17 -44.99
CA ALA C 74 -3.17 -14.83 -46.09
C ALA C 74 -3.65 -16.27 -46.23
N VAL C 75 -3.81 -16.97 -45.11
CA VAL C 75 -4.33 -18.34 -45.10
C VAL C 75 -5.77 -18.36 -45.62
N LYS C 76 -6.57 -17.36 -45.26
CA LYS C 76 -7.95 -17.27 -45.74
C LYS C 76 -8.05 -17.07 -47.24
N MET C 77 -7.10 -16.42 -47.91
CA MET C 77 -7.14 -16.29 -49.36
C MET C 77 -6.96 -17.68 -49.98
N ALA C 78 -6.04 -18.46 -49.41
CA ALA C 78 -5.76 -19.82 -49.87
C ALA C 78 -6.93 -20.76 -49.59
N ASN C 79 -7.54 -20.62 -48.41
CA ASN C 79 -8.69 -21.40 -47.99
C ASN C 79 -9.87 -21.23 -48.93
N GLN C 80 -10.13 -19.98 -49.31
CA GLN C 80 -11.17 -19.57 -50.23
C GLN C 80 -10.91 -20.06 -51.65
N ALA C 81 -9.65 -20.14 -52.04
CA ALA C 81 -9.23 -20.58 -53.36
C ALA C 81 -9.06 -22.10 -53.42
N ASN C 82 -9.24 -22.76 -52.28
CA ASN C 82 -9.18 -24.19 -52.17
C ASN C 82 -7.79 -24.78 -52.30
N ILE C 83 -6.77 -24.00 -51.98
CA ILE C 83 -5.39 -24.47 -52.01
C ILE C 83 -5.00 -24.92 -50.60
N PRO C 84 -4.78 -26.21 -50.42
CA PRO C 84 -4.39 -26.76 -49.14
C PRO C 84 -3.22 -25.97 -48.57
N VAL C 85 -3.27 -25.68 -47.28
CA VAL C 85 -2.21 -24.93 -46.61
C VAL C 85 -1.49 -25.81 -45.60
N ILE C 86 -0.16 -25.73 -45.63
CA ILE C 86 0.68 -26.45 -44.67
C ILE C 86 1.60 -25.38 -44.06
N THR C 87 1.65 -25.26 -42.75
CA THR C 87 2.51 -24.25 -42.14
C THR C 87 3.83 -24.87 -41.68
N LEU C 88 4.89 -24.06 -41.72
CA LEU C 88 6.24 -24.45 -41.36
C LEU C 88 6.78 -23.53 -40.30
N ASP C 89 7.30 -24.06 -39.20
CA ASP C 89 7.89 -23.33 -38.11
C ASP C 89 6.93 -22.59 -37.20
N ARG C 90 6.14 -21.67 -37.73
CA ARG C 90 5.19 -20.88 -36.97
C ARG C 90 3.76 -21.27 -37.34
N GLN C 91 2.90 -21.45 -36.35
CA GLN C 91 1.52 -21.84 -36.63
C GLN C 91 0.72 -20.62 -37.11
N ALA C 92 -0.40 -20.88 -37.77
CA ALA C 92 -1.29 -19.80 -38.19
C ALA C 92 -2.44 -19.76 -37.19
N THR C 93 -2.57 -18.66 -36.48
CA THR C 93 -3.63 -18.52 -35.47
C THR C 93 -5.02 -18.72 -36.05
N LYS C 94 -5.33 -18.07 -37.17
CA LYS C 94 -6.62 -18.19 -37.83
C LYS C 94 -6.44 -18.84 -39.21
N GLY C 95 -7.49 -19.41 -39.77
CA GLY C 95 -7.43 -20.01 -41.10
C GLY C 95 -7.34 -21.53 -41.00
N GLU C 96 -7.77 -22.23 -42.04
CA GLU C 96 -7.74 -23.69 -42.06
C GLU C 96 -6.43 -24.19 -42.63
N VAL C 97 -5.71 -24.96 -41.83
CA VAL C 97 -4.40 -25.51 -42.16
C VAL C 97 -4.47 -27.02 -42.19
N VAL C 98 -3.92 -27.68 -43.21
CA VAL C 98 -4.00 -29.14 -43.28
C VAL C 98 -2.98 -29.82 -42.37
N SER C 99 -1.82 -29.22 -42.20
CA SER C 99 -0.78 -29.79 -41.33
C SER C 99 0.24 -28.72 -40.97
N HIS C 100 0.84 -28.84 -39.81
CA HIS C 100 1.83 -27.90 -39.32
C HIS C 100 3.12 -28.65 -38.99
N ILE C 101 4.20 -28.21 -39.60
CA ILE C 101 5.51 -28.85 -39.41
C ILE C 101 6.45 -27.90 -38.70
N ALA C 102 6.90 -28.28 -37.51
CA ALA C 102 7.81 -27.46 -36.73
C ALA C 102 8.74 -28.39 -35.95
N SER C 103 9.69 -27.82 -35.25
CA SER C 103 10.61 -28.63 -34.45
C SER C 103 9.85 -29.26 -33.29
N ASP C 104 10.33 -30.40 -32.82
CA ASP C 104 9.77 -31.12 -31.68
C ASP C 104 10.30 -30.46 -30.41
N ASN C 105 9.62 -29.38 -30.01
CA ASN C 105 9.99 -28.62 -28.82
C ASN C 105 9.82 -29.46 -27.56
N VAL C 106 8.81 -30.33 -27.55
CA VAL C 106 8.59 -31.21 -26.42
C VAL C 106 9.81 -32.12 -26.24
N LEU C 107 10.25 -32.78 -27.31
CA LEU C 107 11.45 -33.61 -27.24
C LEU C 107 12.64 -32.74 -26.84
N GLY C 108 12.75 -31.57 -27.45
CA GLY C 108 13.83 -30.63 -27.10
C GLY C 108 13.97 -30.42 -25.60
N GLY C 109 12.87 -30.02 -24.96
CA GLY C 109 12.87 -29.81 -23.52
C GLY C 109 13.21 -31.07 -22.74
N LYS C 110 12.68 -32.21 -23.18
CA LYS C 110 12.97 -33.48 -22.50
C LYS C 110 14.46 -33.80 -22.63
N ILE C 111 15.02 -33.62 -23.83
CA ILE C 111 16.45 -33.82 -24.08
C ILE C 111 17.29 -32.96 -23.13
N ALA C 112 16.98 -31.68 -23.05
CA ALA C 112 17.68 -30.78 -22.14
C ALA C 112 17.66 -31.27 -20.70
N GLY C 113 16.49 -31.70 -20.22
CA GLY C 113 16.35 -32.21 -18.87
C GLY C 113 17.11 -33.51 -18.67
N ASP C 114 17.12 -34.41 -19.66
CA ASP C 114 17.87 -35.66 -19.53
C ASP C 114 19.36 -35.35 -19.38
N TYR C 115 19.85 -34.38 -20.15
CA TYR C 115 21.26 -34.00 -20.04
C TYR C 115 21.57 -33.45 -18.66
N ILE C 116 20.69 -32.63 -18.09
CA ILE C 116 20.90 -32.11 -16.74
C ILE C 116 20.99 -33.27 -15.75
N ALA C 117 20.12 -34.26 -15.89
CA ALA C 117 20.14 -35.45 -15.05
C ALA C 117 21.48 -36.16 -15.18
N LYS C 118 21.95 -36.32 -16.42
CA LYS C 118 23.23 -36.97 -16.67
C LYS C 118 24.37 -36.28 -15.93
N LYS C 119 24.46 -34.96 -16.01
CA LYS C 119 25.51 -34.23 -15.33
C LYS C 119 25.25 -33.87 -13.88
N ALA C 120 24.07 -33.37 -13.51
CA ALA C 120 23.78 -32.98 -12.15
C ALA C 120 23.23 -34.12 -11.31
N GLY C 121 22.79 -35.20 -11.93
CA GLY C 121 22.27 -36.33 -11.18
C GLY C 121 20.76 -36.35 -11.04
N GLU C 122 20.27 -37.54 -10.69
CA GLU C 122 18.85 -37.76 -10.46
C GLU C 122 18.43 -37.00 -9.21
N GLY C 123 17.24 -36.38 -9.24
CA GLY C 123 16.80 -35.59 -8.11
C GLY C 123 17.51 -34.26 -7.98
N ALA C 124 18.14 -33.75 -9.03
CA ALA C 124 18.82 -32.47 -8.95
C ALA C 124 17.84 -31.33 -8.64
N LYS C 125 18.37 -30.27 -8.05
CA LYS C 125 17.57 -29.07 -7.76
C LYS C 125 17.76 -28.13 -8.95
N VAL C 126 16.71 -27.86 -9.70
CA VAL C 126 16.81 -27.05 -10.89
C VAL C 126 15.92 -25.81 -10.92
N ILE C 127 16.30 -24.88 -11.81
CA ILE C 127 15.55 -23.66 -12.06
C ILE C 127 15.27 -23.62 -13.56
N GLU C 128 14.06 -23.23 -13.94
CA GLU C 128 13.71 -23.13 -15.35
C GLU C 128 13.37 -21.68 -15.69
N LEU C 129 13.94 -21.20 -16.79
CA LEU C 129 13.68 -19.86 -17.28
C LEU C 129 12.78 -20.02 -18.50
N GLN C 130 11.51 -19.66 -18.38
CA GLN C 130 10.57 -19.84 -19.48
C GLN C 130 10.57 -18.69 -20.47
N GLY C 131 10.09 -18.95 -21.67
CA GLY C 131 9.97 -17.95 -22.72
C GLY C 131 8.67 -17.17 -22.54
N ILE C 132 8.33 -16.37 -23.54
CA ILE C 132 7.13 -15.54 -23.48
C ILE C 132 5.89 -16.39 -23.24
N ALA C 133 5.14 -16.00 -22.20
CA ALA C 133 3.92 -16.72 -21.84
C ALA C 133 2.92 -16.67 -22.97
N GLY C 134 2.30 -17.79 -23.32
CA GLY C 134 1.34 -17.83 -24.39
C GLY C 134 1.88 -18.37 -25.71
N THR C 135 3.17 -18.22 -25.98
CA THR C 135 3.77 -18.71 -27.21
C THR C 135 3.82 -20.23 -27.24
N SER C 136 3.72 -20.84 -28.42
CA SER C 136 3.76 -22.30 -28.50
C SER C 136 5.12 -22.88 -28.11
N ALA C 137 6.21 -22.16 -28.40
CA ALA C 137 7.54 -22.63 -28.06
C ALA C 137 7.75 -22.75 -26.56
N ALA C 138 7.34 -21.73 -25.80
CA ALA C 138 7.47 -21.78 -24.34
C ALA C 138 6.64 -22.93 -23.76
N ARG C 139 5.43 -23.12 -24.26
CA ARG C 139 4.52 -24.14 -23.79
C ARG C 139 5.05 -25.56 -24.05
N GLU C 140 5.47 -25.81 -25.29
CA GLU C 140 5.97 -27.13 -25.66
C GLU C 140 7.30 -27.46 -25.02
N ARG C 141 8.19 -26.46 -24.96
CA ARG C 141 9.50 -26.68 -24.32
C ARG C 141 9.29 -26.94 -22.83
N GLY C 142 8.35 -26.21 -22.24
CA GLY C 142 7.97 -26.42 -20.86
C GLY C 142 7.42 -27.80 -20.58
N GLU C 143 6.55 -28.37 -21.41
CA GLU C 143 6.03 -29.70 -21.08
C GLU C 143 7.12 -30.75 -21.30
N GLY C 144 7.96 -30.55 -22.31
CA GLY C 144 9.06 -31.48 -22.55
C GLY C 144 9.92 -31.56 -21.28
N PHE C 145 10.31 -30.40 -20.76
CA PHE C 145 11.10 -30.31 -19.56
C PHE C 145 10.41 -30.96 -18.37
N GLN C 146 9.08 -30.84 -18.27
CA GLN C 146 8.31 -31.49 -17.21
C GLN C 146 8.39 -33.02 -17.35
N GLN C 147 8.48 -33.56 -18.56
CA GLN C 147 8.68 -35.00 -18.72
C GLN C 147 10.01 -35.41 -18.09
N ALA C 148 11.06 -34.61 -18.26
CA ALA C 148 12.35 -34.90 -17.63
C ALA C 148 12.29 -34.66 -16.12
N VAL C 149 11.50 -33.68 -15.69
CA VAL C 149 11.32 -33.43 -14.25
C VAL C 149 10.73 -34.68 -13.59
N ALA C 150 9.71 -35.29 -14.16
CA ALA C 150 9.10 -36.50 -13.61
C ALA C 150 10.04 -37.71 -13.66
N ALA C 151 10.56 -38.01 -14.85
CA ALA C 151 11.44 -39.15 -15.04
C ALA C 151 12.68 -39.08 -14.17
N HIS C 152 13.32 -37.91 -14.06
CA HIS C 152 14.53 -37.78 -13.25
C HIS C 152 14.27 -37.24 -11.86
N LYS C 153 13.01 -37.11 -11.45
CA LYS C 153 12.65 -36.64 -10.12
C LYS C 153 13.29 -35.30 -9.76
N PHE C 154 13.27 -34.34 -10.68
CA PHE C 154 13.87 -33.03 -10.40
C PHE C 154 13.03 -32.24 -9.40
N ASN C 155 13.74 -31.44 -8.61
CA ASN C 155 13.12 -30.52 -7.66
C ASN C 155 13.22 -29.14 -8.33
N VAL C 156 12.11 -28.64 -8.88
CA VAL C 156 12.18 -27.34 -9.55
C VAL C 156 12.02 -26.23 -8.51
N LEU C 157 13.14 -25.64 -8.13
CA LEU C 157 13.14 -24.58 -7.12
C LEU C 157 12.30 -23.40 -7.56
N ALA C 158 12.45 -23.02 -8.83
CA ALA C 158 11.70 -21.90 -9.39
C ALA C 158 11.54 -22.10 -10.90
N SER C 159 10.45 -21.57 -11.42
CA SER C 159 10.15 -21.63 -12.85
C SER C 159 9.45 -20.32 -13.19
N GLN C 160 10.15 -19.43 -13.90
CA GLN C 160 9.59 -18.13 -14.23
C GLN C 160 9.98 -17.67 -15.64
N PRO C 161 9.15 -16.80 -16.21
CA PRO C 161 9.36 -16.30 -17.54
C PRO C 161 10.45 -15.25 -17.62
N ALA C 162 11.26 -15.28 -18.68
CA ALA C 162 12.30 -14.29 -18.91
C ALA C 162 12.14 -13.81 -20.34
N ASP C 163 10.96 -14.12 -20.89
CA ASP C 163 10.48 -13.76 -22.19
C ASP C 163 11.44 -13.96 -23.35
N PHE C 164 12.30 -14.97 -23.34
CA PHE C 164 13.23 -15.23 -24.42
C PHE C 164 14.21 -14.09 -24.65
N ASP C 165 14.51 -13.31 -23.62
CA ASP C 165 15.37 -12.14 -23.71
C ASP C 165 16.60 -12.31 -22.85
N ARG C 166 17.74 -11.83 -23.33
CA ARG C 166 18.98 -11.94 -22.57
C ARG C 166 18.99 -11.03 -21.34
N ILE C 167 18.51 -9.78 -21.47
CA ILE C 167 18.52 -8.89 -20.31
C ILE C 167 17.56 -9.39 -19.23
N LYS C 168 16.35 -9.80 -19.63
CA LYS C 168 15.41 -10.34 -18.65
C LYS C 168 15.93 -11.65 -18.07
N GLY C 169 16.60 -12.45 -18.89
CA GLY C 169 17.17 -13.71 -18.47
C GLY C 169 18.17 -13.46 -17.34
N LEU C 170 18.97 -12.42 -17.55
CA LEU C 170 19.98 -12.00 -16.59
C LEU C 170 19.33 -11.58 -15.28
N ASN C 171 18.41 -10.62 -15.37
CA ASN C 171 17.75 -10.10 -14.17
C ASN C 171 16.94 -11.14 -13.43
N VAL C 172 16.15 -11.95 -14.13
CA VAL C 172 15.37 -13.00 -13.48
C VAL C 172 16.29 -14.02 -12.81
N MET C 173 17.35 -14.46 -13.47
CA MET C 173 18.29 -15.41 -12.89
C MET C 173 18.94 -14.82 -11.64
N GLN C 174 19.32 -13.55 -11.71
CA GLN C 174 19.92 -12.86 -10.57
C GLN C 174 18.99 -12.92 -9.35
N ASN C 175 17.73 -12.60 -9.58
CA ASN C 175 16.70 -12.64 -8.57
C ASN C 175 16.47 -14.04 -8.01
N LEU C 176 16.40 -15.04 -8.88
CA LEU C 176 16.16 -16.42 -8.48
C LEU C 176 17.37 -17.02 -7.77
N LEU C 177 18.56 -16.60 -8.19
CA LEU C 177 19.80 -17.03 -7.59
C LEU C 177 19.89 -16.67 -6.12
N THR C 178 19.60 -15.43 -5.78
CA THR C 178 19.65 -15.01 -4.37
C THR C 178 18.58 -15.69 -3.55
N ALA C 179 17.39 -15.90 -4.13
CA ALA C 179 16.29 -16.57 -3.47
C ALA C 179 16.48 -18.08 -3.35
N HIS C 180 17.20 -18.69 -4.29
CA HIS C 180 17.44 -20.13 -4.31
C HIS C 180 18.90 -20.42 -4.66
N PRO C 181 19.78 -20.27 -3.67
CA PRO C 181 21.21 -20.44 -3.86
C PRO C 181 21.65 -21.88 -3.98
N ASP C 182 20.79 -22.81 -3.62
CA ASP C 182 21.05 -24.24 -3.70
C ASP C 182 20.71 -24.82 -5.07
N VAL C 183 20.50 -23.99 -6.09
CA VAL C 183 20.21 -24.46 -7.44
C VAL C 183 21.42 -25.18 -8.03
N GLN C 184 21.21 -26.34 -8.65
CA GLN C 184 22.32 -27.08 -9.24
C GLN C 184 22.39 -26.94 -10.75
N ALA C 185 21.25 -26.67 -11.38
CA ALA C 185 21.21 -26.55 -12.83
C ALA C 185 20.05 -25.67 -13.30
N VAL C 186 20.27 -25.05 -14.46
CA VAL C 186 19.26 -24.17 -15.04
C VAL C 186 18.92 -24.65 -16.45
N PHE C 187 17.64 -24.64 -16.77
CA PHE C 187 17.20 -24.92 -18.13
C PHE C 187 16.54 -23.61 -18.62
N ALA C 188 17.14 -23.01 -19.63
CA ALA C 188 16.57 -21.79 -20.21
C ALA C 188 15.93 -22.16 -21.54
N GLN C 189 14.72 -21.73 -21.83
CA GLN C 189 14.05 -22.10 -23.08
C GLN C 189 14.57 -21.46 -24.35
N ASN C 190 15.66 -20.70 -24.31
CA ASN C 190 16.32 -20.16 -25.49
C ASN C 190 17.73 -19.76 -25.07
N ASP C 191 18.63 -19.68 -26.05
CA ASP C 191 20.02 -19.32 -25.79
C ASP C 191 20.14 -17.91 -25.22
N GLU C 192 19.31 -16.97 -25.67
CA GLU C 192 19.36 -15.61 -25.12
C GLU C 192 19.24 -15.66 -23.60
N MET C 193 18.16 -16.27 -23.12
CA MET C 193 17.95 -16.40 -21.68
C MET C 193 19.08 -17.19 -21.04
N ALA C 194 19.54 -18.27 -21.66
CA ALA C 194 20.65 -19.04 -21.11
C ALA C 194 21.90 -18.18 -20.95
N LEU C 195 22.24 -17.41 -21.98
CA LEU C 195 23.40 -16.53 -21.95
C LEU C 195 23.20 -15.46 -20.88
N GLY C 196 22.00 -14.88 -20.84
CA GLY C 196 21.67 -13.92 -19.77
C GLY C 196 21.89 -14.58 -18.41
N ALA C 197 21.37 -15.80 -18.21
CA ALA C 197 21.52 -16.53 -16.95
C ALA C 197 22.98 -16.85 -16.64
N LEU C 198 23.78 -17.13 -17.67
CA LEU C 198 25.20 -17.39 -17.52
C LEU C 198 25.93 -16.16 -16.95
N ARG C 199 25.61 -15.01 -17.53
CA ARG C 199 26.14 -13.72 -17.10
C ARG C 199 25.79 -13.50 -15.64
N ALA C 200 24.53 -13.69 -15.26
CA ALA C 200 24.13 -13.56 -13.87
C ALA C 200 24.91 -14.47 -12.94
N LEU C 201 25.07 -15.75 -13.30
CA LEU C 201 25.79 -16.70 -12.47
C LEU C 201 27.28 -16.38 -12.36
N GLN C 202 27.88 -15.90 -13.46
CA GLN C 202 29.28 -15.51 -13.48
C GLN C 202 29.52 -14.39 -12.48
N THR C 203 28.64 -13.39 -12.48
CA THR C 203 28.67 -12.25 -11.59
C THR C 203 28.53 -12.61 -10.12
N ALA C 204 27.80 -13.67 -9.78
CA ALA C 204 27.65 -14.10 -8.40
C ALA C 204 28.69 -15.13 -7.99
N GLY C 205 29.57 -15.50 -8.92
CA GLY C 205 30.63 -16.46 -8.67
C GLY C 205 30.11 -17.88 -8.59
N LYS C 206 29.13 -18.18 -9.45
CA LYS C 206 28.53 -19.52 -9.49
C LYS C 206 28.52 -20.08 -10.90
N SER C 207 29.70 -20.43 -11.41
CA SER C 207 29.84 -21.02 -12.75
C SER C 207 29.87 -22.55 -12.66
N ASP C 208 29.65 -23.07 -11.46
CA ASP C 208 29.58 -24.49 -11.18
C ASP C 208 28.15 -25.01 -11.40
N VAL C 209 27.21 -24.08 -11.55
CA VAL C 209 25.82 -24.38 -11.82
C VAL C 209 25.63 -24.52 -13.34
N MET C 210 25.35 -25.71 -13.82
CA MET C 210 25.24 -25.91 -15.26
C MET C 210 24.01 -25.23 -15.86
N VAL C 211 24.18 -24.68 -17.04
CA VAL C 211 23.11 -24.02 -17.76
C VAL C 211 22.91 -24.72 -19.10
N VAL C 212 21.68 -25.03 -19.45
CA VAL C 212 21.37 -25.67 -20.73
C VAL C 212 20.43 -24.73 -21.49
N GLY C 213 20.80 -24.33 -22.71
CA GLY C 213 19.98 -23.43 -23.50
C GLY C 213 19.11 -24.17 -24.51
N PHE C 214 18.70 -23.47 -25.56
CA PHE C 214 17.86 -24.04 -26.60
C PHE C 214 17.85 -23.13 -27.82
N ASP C 215 17.95 -23.64 -29.03
CA ASP C 215 17.89 -22.92 -30.29
C ASP C 215 19.10 -23.22 -31.19
N GLY C 216 20.27 -23.35 -30.57
CA GLY C 216 21.49 -23.62 -31.30
C GLY C 216 21.99 -22.43 -32.11
N THR C 217 21.82 -21.23 -31.58
CA THR C 217 22.25 -20.01 -32.22
C THR C 217 23.78 -19.90 -32.24
N PRO C 218 24.28 -19.03 -33.12
CA PRO C 218 25.70 -18.75 -33.20
C PRO C 218 26.28 -18.42 -31.84
N ASP C 219 25.64 -17.49 -31.12
CA ASP C 219 26.10 -17.13 -29.78
C ASP C 219 25.99 -18.30 -28.81
N GLY C 220 24.90 -19.04 -28.89
CA GLY C 220 24.69 -20.20 -28.01
C GLY C 220 25.73 -21.29 -28.23
N GLU C 221 25.90 -21.70 -29.49
CA GLU C 221 26.90 -22.73 -29.83
C GLU C 221 28.31 -22.27 -29.51
N LYS C 222 28.61 -20.98 -29.71
CA LYS C 222 29.91 -20.42 -29.36
C LYS C 222 30.16 -20.62 -27.87
N ALA C 223 29.16 -20.30 -27.05
CA ALA C 223 29.25 -20.42 -25.60
C ALA C 223 29.52 -21.85 -25.17
N VAL C 224 28.97 -22.83 -25.88
CA VAL C 224 29.18 -24.23 -25.59
C VAL C 224 30.63 -24.63 -25.89
N ASN C 225 31.15 -24.19 -27.04
CA ASN C 225 32.52 -24.48 -27.44
C ASN C 225 33.53 -23.89 -26.47
N ASP C 226 33.23 -22.73 -25.89
CA ASP C 226 34.10 -22.07 -24.93
C ASP C 226 34.09 -22.74 -23.56
N GLY C 227 33.16 -23.64 -23.30
CA GLY C 227 33.06 -24.29 -22.00
C GLY C 227 32.24 -23.47 -21.02
N LYS C 228 31.47 -22.51 -21.50
CA LYS C 228 30.63 -21.68 -20.63
C LYS C 228 29.23 -22.27 -20.49
N LEU C 229 28.58 -22.48 -21.63
CA LEU C 229 27.25 -23.09 -21.69
C LEU C 229 27.39 -24.61 -21.69
N ALA C 230 26.75 -25.31 -20.77
CA ALA C 230 26.87 -26.77 -20.73
C ALA C 230 26.32 -27.44 -21.98
N ALA C 231 25.26 -26.89 -22.55
CA ALA C 231 24.70 -27.47 -23.77
C ALA C 231 23.61 -26.58 -24.37
N THR C 232 23.19 -26.93 -25.57
CA THR C 232 22.10 -26.25 -26.25
C THR C 232 21.42 -27.29 -27.14
N ILE C 233 20.23 -26.93 -27.57
CA ILE C 233 19.41 -27.80 -28.42
C ILE C 233 19.32 -27.16 -29.79
N ALA C 234 19.95 -27.74 -30.81
CA ALA C 234 19.92 -27.11 -32.12
C ALA C 234 18.77 -27.65 -32.97
N GLN C 235 18.06 -26.74 -33.62
CA GLN C 235 16.95 -27.10 -34.50
C GLN C 235 17.47 -27.53 -35.86
N LEU C 236 16.66 -28.20 -36.68
CA LEU C 236 17.01 -28.64 -38.03
C LEU C 236 16.03 -28.07 -39.06
N PRO C 237 16.23 -26.80 -39.43
CA PRO C 237 15.36 -26.08 -40.32
C PRO C 237 15.23 -26.71 -41.69
N ASP C 238 16.32 -27.29 -42.18
CA ASP C 238 16.27 -27.99 -43.48
C ASP C 238 15.27 -29.14 -43.40
N GLN C 239 15.23 -29.86 -42.29
CA GLN C 239 14.29 -30.95 -42.10
C GLN C 239 12.87 -30.45 -42.02
N ILE C 240 12.61 -29.25 -41.50
CA ILE C 240 11.27 -28.67 -41.50
C ILE C 240 10.81 -28.47 -42.95
N GLY C 241 11.65 -27.88 -43.78
CA GLY C 241 11.31 -27.65 -45.17
C GLY C 241 11.11 -28.97 -45.91
N ALA C 242 11.99 -29.94 -45.70
CA ALA C 242 11.90 -31.23 -46.35
C ALA C 242 10.60 -31.93 -45.95
N LYS C 243 10.33 -32.03 -44.65
CA LYS C 243 9.10 -32.66 -44.17
C LYS C 243 7.84 -31.97 -44.69
N GLY C 244 7.91 -30.65 -44.80
CA GLY C 244 6.80 -29.88 -45.37
C GLY C 244 6.51 -30.31 -46.80
N VAL C 245 7.55 -30.37 -47.63
CA VAL C 245 7.39 -30.76 -49.02
C VAL C 245 6.85 -32.17 -49.13
N GLU C 246 7.35 -33.10 -48.32
CA GLU C 246 6.89 -34.48 -48.32
C GLU C 246 5.44 -34.61 -47.89
N THR C 247 5.00 -33.82 -46.90
CA THR C 247 3.62 -33.81 -46.45
C THR C 247 2.73 -33.21 -47.55
N ALA C 248 3.24 -32.21 -48.28
CA ALA C 248 2.48 -31.67 -49.41
C ALA C 248 2.24 -32.78 -50.44
N ASP C 249 3.29 -33.53 -50.73
CA ASP C 249 3.29 -34.65 -51.64
C ASP C 249 2.26 -35.70 -51.24
N LYS C 250 2.22 -36.07 -49.98
CA LYS C 250 1.24 -37.06 -49.50
C LYS C 250 -0.17 -36.51 -49.67
N VAL C 251 -0.40 -35.23 -49.40
CA VAL C 251 -1.69 -34.60 -49.64
C VAL C 251 -2.03 -34.68 -51.12
N LEU C 252 -1.07 -34.39 -52.00
CA LEU C 252 -1.33 -34.46 -53.43
C LEU C 252 -1.60 -35.86 -53.94
N LYS C 253 -1.16 -36.90 -53.24
CA LYS C 253 -1.37 -38.28 -53.62
C LYS C 253 -2.64 -38.87 -53.03
N GLY C 254 -3.53 -38.02 -52.55
CA GLY C 254 -4.80 -38.43 -51.99
C GLY C 254 -4.73 -39.04 -50.61
N GLU C 255 -3.65 -38.79 -49.88
CA GLU C 255 -3.49 -39.33 -48.54
C GLU C 255 -3.97 -38.37 -47.46
N LYS C 256 -4.36 -38.91 -46.31
CA LYS C 256 -4.76 -38.05 -45.20
C LYS C 256 -3.53 -37.91 -44.31
N VAL C 257 -3.17 -36.67 -43.98
CA VAL C 257 -1.96 -36.42 -43.21
C VAL C 257 -2.22 -36.10 -41.75
N GLN C 258 -1.23 -36.30 -40.88
CA GLN C 258 -1.41 -35.93 -39.48
C GLN C 258 -1.46 -34.41 -39.38
N ALA C 259 -2.01 -33.90 -38.28
CA ALA C 259 -2.14 -32.47 -38.03
C ALA C 259 -0.77 -31.83 -37.79
N LYS C 260 0.11 -32.57 -37.13
CA LYS C 260 1.45 -32.13 -36.81
C LYS C 260 2.48 -33.21 -37.11
N TYR C 261 3.68 -32.80 -37.49
CA TYR C 261 4.80 -33.70 -37.74
C TYR C 261 6.05 -33.08 -37.10
N PRO C 262 6.18 -33.23 -35.79
CA PRO C 262 7.28 -32.64 -35.04
C PRO C 262 8.62 -33.12 -35.55
N VAL C 263 9.48 -32.19 -35.98
CA VAL C 263 10.79 -32.49 -36.54
C VAL C 263 11.80 -32.72 -35.43
N ASP C 264 12.70 -33.69 -35.60
CA ASP C 264 13.75 -33.96 -34.62
C ASP C 264 14.73 -32.81 -34.49
N LEU C 265 15.52 -32.78 -33.43
CA LEU C 265 16.52 -31.76 -33.14
C LEU C 265 17.70 -32.42 -32.43
N LYS C 266 18.83 -31.70 -32.30
CA LYS C 266 20.00 -32.34 -31.70
C LYS C 266 20.61 -31.63 -30.50
N LEU C 267 21.11 -32.46 -29.60
CA LEU C 267 21.78 -31.99 -28.39
C LEU C 267 23.20 -31.58 -28.77
N VAL C 268 23.57 -30.34 -28.45
CA VAL C 268 24.91 -29.84 -28.77
C VAL C 268 25.74 -29.71 -27.49
N VAL C 269 26.77 -30.55 -27.35
CA VAL C 269 27.65 -30.49 -26.19
C VAL C 269 29.08 -30.23 -26.68
N LYS C 270 30.01 -30.02 -25.76
CA LYS C 270 31.39 -29.76 -26.15
C LYS C 270 32.04 -31.05 -26.67
N GLN C 271 32.46 -31.07 -27.92
CA GLN C 271 33.07 -32.18 -28.62
C GLN C 271 32.12 -32.85 -29.60
N LYS D 1 10.88 -16.74 57.50
CA LYS D 1 9.94 -16.33 56.43
C LYS D 1 10.05 -14.83 56.13
N ASP D 2 10.36 -14.55 54.86
CA ASP D 2 10.51 -13.22 54.32
C ASP D 2 9.21 -12.71 53.71
N THR D 3 9.11 -11.38 53.59
CA THR D 3 7.90 -10.78 53.04
C THR D 3 8.13 -10.00 51.77
N ILE D 4 7.28 -10.31 50.80
CA ILE D 4 7.19 -9.62 49.52
C ILE D 4 5.88 -8.81 49.59
N ALA D 5 5.90 -7.57 49.14
CA ALA D 5 4.71 -6.74 49.16
C ALA D 5 4.17 -6.49 47.75
N LEU D 6 2.86 -6.49 47.65
CA LEU D 6 2.21 -6.22 46.37
C LEU D 6 1.25 -5.04 46.54
N VAL D 7 1.55 -3.96 45.84
CA VAL D 7 0.67 -2.80 45.81
C VAL D 7 -0.11 -2.93 44.50
N VAL D 8 -1.38 -3.27 44.60
CA VAL D 8 -2.21 -3.46 43.41
C VAL D 8 -3.08 -2.25 43.15
N SER D 9 -3.23 -1.89 41.87
CA SER D 9 -4.00 -0.71 41.50
C SER D 9 -5.42 -0.79 42.07
N THR D 10 -6.12 -1.90 41.92
CA THR D 10 -7.46 -2.05 42.48
C THR D 10 -7.82 -3.51 42.64
N LEU D 11 -8.82 -3.79 43.48
CA LEU D 11 -9.31 -5.16 43.64
C LEU D 11 -10.79 -5.21 43.26
N ASN D 12 -11.22 -4.18 42.54
CA ASN D 12 -12.57 -3.96 42.07
C ASN D 12 -12.85 -4.52 40.69
N ASN D 13 -11.80 -5.05 40.09
CA ASN D 13 -11.85 -5.62 38.74
C ASN D 13 -11.29 -7.04 38.81
N PRO D 14 -11.91 -7.98 38.12
CA PRO D 14 -11.50 -9.37 38.08
C PRO D 14 -10.08 -9.57 37.57
N PHE D 15 -9.65 -8.78 36.58
CA PHE D 15 -8.29 -8.84 36.07
C PHE D 15 -7.29 -8.69 37.22
N PHE D 16 -7.47 -7.67 38.06
CA PHE D 16 -6.54 -7.41 39.15
C PHE D 16 -6.72 -8.35 40.32
N VAL D 17 -7.88 -8.98 40.48
CA VAL D 17 -8.04 -10.01 41.52
C VAL D 17 -7.26 -11.24 41.08
N SER D 18 -7.31 -11.60 39.79
CA SER D 18 -6.49 -12.69 39.27
C SER D 18 -5.00 -12.37 39.39
N LEU D 19 -4.62 -11.12 39.11
CA LEU D 19 -3.23 -10.73 39.29
C LEU D 19 -2.83 -11.00 40.75
N LYS D 20 -3.62 -10.58 41.72
CA LYS D 20 -3.30 -10.84 43.12
C LYS D 20 -3.25 -12.34 43.40
N ASP D 21 -4.27 -13.07 42.96
CA ASP D 21 -4.34 -14.51 43.19
C ASP D 21 -3.09 -15.23 42.66
N GLY D 22 -2.68 -14.96 41.43
CA GLY D 22 -1.47 -15.54 40.84
C GLY D 22 -0.22 -15.22 41.65
N ALA D 23 -0.09 -14.01 42.16
CA ALA D 23 0.99 -13.60 43.02
C ALA D 23 0.96 -14.32 44.36
N GLN D 24 -0.22 -14.49 44.94
CA GLN D 24 -0.37 -15.19 46.22
C GLN D 24 0.05 -16.66 46.08
N LYS D 25 -0.46 -17.32 45.07
CA LYS D 25 -0.14 -18.72 44.83
C LYS D 25 1.35 -18.92 44.62
N GLU D 26 1.99 -18.09 43.77
CA GLU D 26 3.43 -18.23 43.55
C GLU D 26 4.23 -17.92 44.80
N ALA D 27 3.82 -16.94 45.59
CA ALA D 27 4.49 -16.59 46.83
C ALA D 27 4.46 -17.73 47.85
N ASP D 28 3.29 -18.35 48.00
CA ASP D 28 3.12 -19.49 48.90
C ASP D 28 4.08 -20.60 48.48
N LYS D 29 4.08 -20.89 47.19
CA LYS D 29 4.92 -21.88 46.55
C LYS D 29 6.41 -21.66 46.74
N LEU D 30 6.86 -20.42 46.71
CA LEU D 30 8.27 -20.10 46.90
C LEU D 30 8.62 -19.87 48.37
N GLY D 31 7.64 -19.92 49.27
CA GLY D 31 7.84 -19.78 50.68
C GLY D 31 7.86 -18.37 51.23
N TYR D 32 7.14 -17.45 50.59
CA TYR D 32 7.10 -16.07 51.06
C TYR D 32 5.75 -15.69 51.66
N ASN D 33 5.81 -14.64 52.45
CA ASN D 33 4.64 -14.01 53.03
C ASN D 33 4.30 -12.80 52.15
N LEU D 34 3.15 -12.82 51.47
CA LEU D 34 2.79 -11.70 50.61
C LEU D 34 1.88 -10.71 51.32
N VAL D 35 2.35 -9.47 51.42
CA VAL D 35 1.52 -8.40 51.97
C VAL D 35 0.87 -7.70 50.78
N VAL D 36 -0.46 -7.65 50.71
CA VAL D 36 -1.16 -7.04 49.59
C VAL D 36 -1.87 -5.75 49.99
N LEU D 37 -1.56 -4.66 49.28
CA LEU D 37 -2.20 -3.38 49.58
C LEU D 37 -2.97 -2.90 48.34
N ASP D 38 -4.22 -2.52 48.55
CA ASP D 38 -5.11 -2.07 47.49
C ASP D 38 -5.06 -0.54 47.40
N SER D 39 -4.82 -0.04 46.19
CA SER D 39 -4.73 1.39 45.97
C SER D 39 -6.08 2.02 45.67
N GLN D 40 -7.08 1.19 45.39
CA GLN D 40 -8.44 1.66 45.08
C GLN D 40 -8.46 2.63 43.91
N ASN D 41 -7.59 2.42 42.92
CA ASN D 41 -7.42 3.21 41.73
C ASN D 41 -7.15 4.68 42.04
N ASN D 42 -6.43 4.97 43.11
CA ASN D 42 -6.14 6.34 43.52
C ASN D 42 -4.66 6.50 43.81
N PRO D 43 -3.97 7.30 43.01
CA PRO D 43 -2.55 7.56 43.16
C PRO D 43 -2.16 8.02 44.55
N ALA D 44 -3.00 8.83 45.22
CA ALA D 44 -2.70 9.26 46.57
C ALA D 44 -2.65 8.07 47.52
N LYS D 45 -3.61 7.15 47.43
CA LYS D 45 -3.63 5.94 48.26
C LYS D 45 -2.46 5.02 47.92
N GLU D 46 -2.14 4.91 46.64
CA GLU D 46 -0.99 4.15 46.15
C GLU D 46 0.29 4.70 46.79
N LEU D 47 0.39 6.03 46.77
CA LEU D 47 1.53 6.70 47.39
C LEU D 47 1.59 6.36 48.87
N ALA D 48 0.46 6.44 49.57
CA ALA D 48 0.42 6.12 50.98
C ALA D 48 0.79 4.66 51.24
N ASN D 49 0.33 3.73 50.40
CA ASN D 49 0.65 2.32 50.55
C ASN D 49 2.17 2.10 50.46
N VAL D 50 2.81 2.72 49.48
CA VAL D 50 4.25 2.57 49.33
C VAL D 50 4.99 3.17 50.51
N GLN D 51 4.56 4.31 51.04
CA GLN D 51 5.22 4.89 52.21
C GLN D 51 5.10 3.97 53.41
N ASP D 52 3.91 3.41 53.63
CA ASP D 52 3.68 2.47 54.71
C ASP D 52 4.66 1.29 54.61
N LEU D 53 4.77 0.71 53.42
CA LEU D 53 5.68 -0.41 53.17
C LEU D 53 7.14 -0.08 53.40
N THR D 54 7.60 1.12 53.03
CA THR D 54 9.00 1.48 53.20
C THR D 54 9.41 1.47 54.67
N VAL D 55 8.61 2.07 55.55
CA VAL D 55 8.93 2.11 56.98
C VAL D 55 8.78 0.77 57.68
N ARG D 56 8.13 -0.20 57.06
CA ARG D 56 7.97 -1.55 57.59
C ARG D 56 8.98 -2.52 57.00
N GLY D 57 10.07 -1.98 56.46
CA GLY D 57 11.17 -2.72 55.91
C GLY D 57 10.80 -3.90 55.02
N THR D 58 10.15 -3.60 53.90
CA THR D 58 9.80 -4.63 52.93
C THR D 58 11.02 -4.95 52.09
N LYS D 59 11.25 -6.22 51.79
CA LYS D 59 12.44 -6.58 51.01
C LYS D 59 12.32 -6.16 49.56
N ILE D 60 11.20 -6.45 48.89
CA ILE D 60 11.00 -6.07 47.50
C ILE D 60 9.59 -5.50 47.35
N LEU D 61 9.44 -4.52 46.46
CA LEU D 61 8.13 -3.96 46.19
C LEU D 61 7.62 -4.31 44.80
N LEU D 62 6.56 -5.10 44.74
CA LEU D 62 5.89 -5.41 43.48
C LEU D 62 4.78 -4.36 43.35
N ILE D 63 4.85 -3.49 42.34
CA ILE D 63 3.82 -2.45 42.27
C ILE D 63 3.12 -2.46 40.92
N ASN D 64 1.80 -2.51 40.96
CA ASN D 64 0.98 -2.43 39.73
C ASN D 64 0.40 -1.01 39.77
N PRO D 65 1.04 -0.10 39.04
CA PRO D 65 0.66 1.29 39.07
C PRO D 65 -0.78 1.57 38.68
N THR D 66 -1.40 2.56 39.34
CA THR D 66 -2.75 2.95 38.91
C THR D 66 -2.60 3.69 37.58
N ASP D 67 -1.53 4.47 37.48
CA ASP D 67 -1.22 5.21 36.26
C ASP D 67 0.30 5.33 36.10
N SER D 68 0.80 5.10 34.90
CA SER D 68 2.24 5.12 34.63
C SER D 68 2.93 6.42 35.01
N ASP D 69 2.30 7.55 34.69
CA ASP D 69 2.85 8.86 35.00
C ASP D 69 2.73 9.23 36.47
N ALA D 70 1.60 8.89 37.11
CA ALA D 70 1.36 9.25 38.50
C ALA D 70 2.18 8.48 39.53
N VAL D 71 2.60 7.27 39.21
CA VAL D 71 3.39 6.43 40.11
C VAL D 71 4.83 6.86 40.31
N GLY D 72 5.36 7.77 39.50
CA GLY D 72 6.71 8.26 39.59
C GLY D 72 7.24 8.50 40.99
N ASN D 73 6.55 9.33 41.78
CA ASN D 73 6.97 9.64 43.13
C ASN D 73 6.91 8.45 44.07
N ALA D 74 5.94 7.56 43.90
CA ALA D 74 5.85 6.37 44.73
C ALA D 74 7.09 5.50 44.53
N VAL D 75 7.52 5.33 43.28
CA VAL D 75 8.71 4.57 42.94
C VAL D 75 9.94 5.24 43.55
N LYS D 76 10.00 6.57 43.55
CA LYS D 76 11.11 7.30 44.13
C LYS D 76 11.21 7.12 45.65
N MET D 77 10.10 6.89 46.36
CA MET D 77 10.19 6.66 47.81
C MET D 77 10.89 5.31 48.03
N ALA D 78 10.53 4.33 47.21
CA ALA D 78 11.12 3.01 47.27
C ALA D 78 12.60 3.03 46.86
N ASN D 79 12.90 3.77 45.80
CA ASN D 79 14.27 3.93 45.30
C ASN D 79 15.19 4.50 46.37
N GLN D 80 14.68 5.51 47.06
CA GLN D 80 15.35 6.21 48.14
C GLN D 80 15.56 5.34 49.36
N ALA D 81 14.64 4.43 49.63
CA ALA D 81 14.69 3.51 50.76
C ALA D 81 15.44 2.23 50.41
N ASN D 82 15.87 2.11 49.16
CA ASN D 82 16.63 0.99 48.66
C ASN D 82 15.85 -0.32 48.52
N ILE D 83 14.55 -0.20 48.30
CA ILE D 83 13.70 -1.37 48.10
C ILE D 83 13.51 -1.58 46.62
N PRO D 84 14.05 -2.67 46.09
CA PRO D 84 13.95 -2.99 44.68
C PRO D 84 12.49 -2.91 44.24
N VAL D 85 12.27 -2.33 43.07
CA VAL D 85 10.92 -2.18 42.55
C VAL D 85 10.75 -3.01 41.28
N ILE D 86 9.64 -3.73 41.21
CA ILE D 86 9.28 -4.51 40.04
C ILE D 86 7.86 -4.06 39.65
N THR D 87 7.65 -3.62 38.41
CA THR D 87 6.31 -3.18 38.00
C THR D 87 5.56 -4.29 37.30
N LEU D 88 4.23 -4.27 37.49
CA LEU D 88 3.34 -5.27 36.91
C LEU D 88 2.26 -4.58 36.08
N ASP D 89 2.04 -5.03 34.85
CA ASP D 89 1.04 -4.54 33.92
C ASP D 89 1.32 -3.17 33.33
N ARG D 90 1.48 -2.14 34.14
CA ARG D 90 1.76 -0.79 33.68
C ARG D 90 3.19 -0.40 34.06
N GLN D 91 3.91 0.25 33.14
CA GLN D 91 5.28 0.66 33.42
C GLN D 91 5.27 1.93 34.26
N ALA D 92 6.39 2.22 34.91
CA ALA D 92 6.52 3.47 35.68
C ALA D 92 7.35 4.44 34.82
N THR D 93 6.75 5.55 34.43
CA THR D 93 7.44 6.52 33.59
C THR D 93 8.75 6.99 34.22
N LYS D 94 8.70 7.41 35.47
CA LYS D 94 9.89 7.87 36.18
C LYS D 94 10.23 6.91 37.32
N GLY D 95 11.48 6.95 37.79
CA GLY D 95 11.90 6.09 38.91
C GLY D 95 12.66 4.87 38.42
N GLU D 96 13.51 4.31 39.29
CA GLU D 96 14.33 3.16 38.92
C GLU D 96 13.60 1.86 39.25
N VAL D 97 13.37 1.07 38.22
CA VAL D 97 12.66 -0.20 38.30
C VAL D 97 13.60 -1.34 37.93
N VAL D 98 13.59 -2.44 38.68
CA VAL D 98 14.50 -3.54 38.39
C VAL D 98 14.00 -4.41 37.25
N SER D 99 12.69 -4.57 37.13
CA SER D 99 12.11 -5.39 36.08
C SER D 99 10.62 -5.06 35.93
N HIS D 100 10.12 -5.21 34.71
CA HIS D 100 8.74 -4.90 34.40
C HIS D 100 8.10 -6.14 33.79
N ILE D 101 6.98 -6.56 34.41
CA ILE D 101 6.30 -7.76 33.95
C ILE D 101 4.90 -7.41 33.44
N ALA D 102 4.67 -7.67 32.16
CA ALA D 102 3.39 -7.37 31.54
C ALA D 102 3.11 -8.41 30.47
N SER D 103 1.94 -8.32 29.86
CA SER D 103 1.58 -9.26 28.82
C SER D 103 2.45 -9.00 27.61
N ASP D 104 2.63 -10.02 26.79
CA ASP D 104 3.41 -9.90 25.57
C ASP D 104 2.51 -9.33 24.48
N ASN D 105 2.40 -8.00 24.47
CA ASN D 105 1.56 -7.28 23.50
C ASN D 105 2.05 -7.49 22.07
N VAL D 106 3.36 -7.57 21.89
CA VAL D 106 3.92 -7.83 20.56
C VAL D 106 3.44 -9.20 20.07
N LEU D 107 3.52 -10.23 20.89
CA LEU D 107 3.05 -11.56 20.51
C LEU D 107 1.55 -11.50 20.25
N GLY D 108 0.84 -10.79 21.13
CA GLY D 108 -0.60 -10.60 20.99
C GLY D 108 -0.97 -10.10 19.60
N GLY D 109 -0.38 -8.98 19.18
CA GLY D 109 -0.65 -8.43 17.85
C GLY D 109 -0.27 -9.41 16.75
N LYS D 110 0.85 -10.11 16.91
CA LYS D 110 1.27 -11.07 15.88
C LYS D 110 0.25 -12.21 15.78
N ILE D 111 -0.20 -12.68 16.94
CA ILE D 111 -1.22 -13.74 17.01
C ILE D 111 -2.48 -13.31 16.28
N ALA D 112 -2.97 -12.10 16.55
CA ALA D 112 -4.16 -11.57 15.89
C ALA D 112 -4.00 -11.58 14.37
N GLY D 113 -2.85 -11.08 13.89
CA GLY D 113 -2.55 -11.06 12.48
C GLY D 113 -2.44 -12.45 11.89
N ASP D 114 -1.84 -13.41 12.59
CA ASP D 114 -1.75 -14.77 12.06
C ASP D 114 -3.15 -15.35 11.85
N TYR D 115 -4.03 -15.14 12.83
CA TYR D 115 -5.41 -15.61 12.72
C TYR D 115 -6.12 -14.98 11.54
N ILE D 116 -5.93 -13.68 11.30
CA ILE D 116 -6.53 -13.03 10.13
C ILE D 116 -6.04 -13.70 8.86
N ALA D 117 -4.75 -14.01 8.79
CA ALA D 117 -4.17 -14.70 7.64
C ALA D 117 -4.84 -16.07 7.48
N LYS D 118 -5.00 -16.79 8.60
CA LYS D 118 -5.65 -18.09 8.54
C LYS D 118 -7.02 -18.01 7.90
N LYS D 119 -7.87 -17.09 8.35
CA LYS D 119 -9.22 -16.95 7.82
C LYS D 119 -9.34 -16.12 6.54
N ALA D 120 -8.71 -14.97 6.43
CA ALA D 120 -8.83 -14.13 5.25
C ALA D 120 -7.82 -14.50 4.16
N GLY D 121 -6.77 -15.24 4.52
CA GLY D 121 -5.78 -15.63 3.54
C GLY D 121 -4.55 -14.72 3.51
N GLU D 122 -3.51 -15.24 2.87
CA GLU D 122 -2.25 -14.53 2.72
C GLU D 122 -2.47 -13.36 1.77
N GLY D 123 -1.86 -12.21 2.05
CA GLY D 123 -2.03 -11.04 1.21
C GLY D 123 -3.40 -10.39 1.38
N ALA D 124 -4.09 -10.62 2.49
CA ALA D 124 -5.40 -10.02 2.71
C ALA D 124 -5.27 -8.49 2.82
N LYS D 125 -6.35 -7.81 2.47
CA LYS D 125 -6.44 -6.36 2.60
C LYS D 125 -7.02 -6.06 3.98
N VAL D 126 -6.24 -5.43 4.85
CA VAL D 126 -6.66 -5.19 6.21
C VAL D 126 -6.64 -3.74 6.67
N ILE D 127 -7.40 -3.47 7.72
CA ILE D 127 -7.46 -2.15 8.34
C ILE D 127 -7.09 -2.36 9.81
N GLU D 128 -6.28 -1.47 10.37
CA GLU D 128 -5.92 -1.56 11.77
C GLU D 128 -6.46 -0.35 12.54
N LEU D 129 -7.10 -0.61 13.67
CA LEU D 129 -7.58 0.46 14.52
C LEU D 129 -6.64 0.52 15.73
N GLN D 130 -5.84 1.57 15.82
CA GLN D 130 -4.86 1.69 16.89
C GLN D 130 -5.43 2.34 18.15
N GLY D 131 -4.74 2.07 19.26
CA GLY D 131 -5.11 2.62 20.56
C GLY D 131 -4.52 4.03 20.71
N ILE D 132 -4.60 4.55 21.93
CA ILE D 132 -4.11 5.90 22.19
C ILE D 132 -2.64 6.03 21.81
N ALA D 133 -2.36 7.02 20.96
CA ALA D 133 -1.00 7.27 20.50
C ALA D 133 -0.09 7.59 21.69
N GLY D 134 1.09 6.98 21.73
CA GLY D 134 2.01 7.21 22.84
C GLY D 134 2.00 6.13 23.91
N THR D 135 0.89 5.46 24.12
CA THR D 135 0.80 4.40 25.14
C THR D 135 1.63 3.20 24.76
N SER D 136 2.20 2.46 25.72
CA SER D 136 2.99 1.27 25.38
C SER D 136 2.15 0.16 24.76
N ALA D 137 0.89 -0.01 25.16
CA ALA D 137 0.04 -1.03 24.60
C ALA D 137 -0.21 -0.84 23.11
N ALA D 138 -0.53 0.39 22.69
CA ALA D 138 -0.73 0.66 21.28
C ALA D 138 0.53 0.42 20.45
N ARG D 139 1.69 0.81 20.97
CA ARG D 139 2.96 0.65 20.29
C ARG D 139 3.35 -0.81 20.12
N GLU D 140 3.32 -1.57 21.21
CA GLU D 140 3.67 -2.99 21.18
C GLU D 140 2.71 -3.84 20.37
N ARG D 141 1.41 -3.59 20.55
CA ARG D 141 0.41 -4.30 19.76
C ARG D 141 0.58 -3.98 18.27
N GLY D 142 0.90 -2.72 17.97
CA GLY D 142 1.16 -2.29 16.61
C GLY D 142 2.37 -2.96 15.99
N GLU D 143 3.49 -3.10 16.72
CA GLU D 143 4.64 -3.77 16.09
C GLU D 143 4.37 -5.25 15.92
N GLY D 144 3.67 -5.84 16.88
CA GLY D 144 3.31 -7.27 16.76
C GLY D 144 2.54 -7.50 15.46
N PHE D 145 1.51 -6.69 15.25
CA PHE D 145 0.69 -6.75 14.05
C PHE D 145 1.53 -6.55 12.79
N GLN D 146 2.52 -5.66 12.84
CA GLN D 146 3.42 -5.44 11.71
C GLN D 146 4.23 -6.71 11.44
N GLN D 147 4.60 -7.50 12.44
CA GLN D 147 5.27 -8.77 12.18
C GLN D 147 4.37 -9.68 11.35
N ALA D 148 3.07 -9.74 11.64
CA ALA D 148 2.12 -10.52 10.85
C ALA D 148 1.88 -9.89 9.49
N VAL D 149 1.95 -8.56 9.40
CA VAL D 149 1.80 -7.85 8.12
C VAL D 149 2.92 -8.30 7.18
N ALA D 150 4.15 -8.34 7.68
CA ALA D 150 5.28 -8.80 6.87
C ALA D 150 5.20 -10.29 6.51
N ALA D 151 5.08 -11.14 7.52
CA ALA D 151 5.04 -12.59 7.31
C ALA D 151 3.90 -13.00 6.37
N HIS D 152 2.70 -12.45 6.57
CA HIS D 152 1.58 -12.82 5.72
C HIS D 152 1.34 -11.89 4.54
N LYS D 153 2.25 -10.94 4.29
CA LYS D 153 2.12 -10.04 3.15
C LYS D 153 0.78 -9.30 3.13
N PHE D 154 0.35 -8.77 4.28
CA PHE D 154 -0.90 -8.02 4.34
C PHE D 154 -0.77 -6.66 3.64
N ASN D 155 -1.90 -6.23 3.10
CA ASN D 155 -2.01 -4.91 2.46
C ASN D 155 -2.79 -4.08 3.48
N VAL D 156 -2.11 -3.20 4.22
CA VAL D 156 -2.83 -2.40 5.20
C VAL D 156 -3.44 -1.19 4.52
N LEU D 157 -4.74 -1.24 4.24
CA LEU D 157 -5.46 -0.18 3.56
C LEU D 157 -5.43 1.11 4.37
N ALA D 158 -5.57 0.99 5.68
CA ALA D 158 -5.57 2.14 6.57
C ALA D 158 -5.18 1.67 7.97
N SER D 159 -4.55 2.57 8.71
CA SER D 159 -4.14 2.29 10.08
C SER D 159 -4.29 3.61 10.83
N GLN D 160 -5.29 3.72 11.69
CA GLN D 160 -5.55 4.96 12.40
C GLN D 160 -5.99 4.72 13.84
N PRO D 161 -5.76 5.71 14.69
CA PRO D 161 -6.10 5.62 16.10
C PRO D 161 -7.58 5.78 16.35
N ALA D 162 -8.10 5.02 17.30
CA ALA D 162 -9.50 5.13 17.72
C ALA D 162 -9.50 5.20 19.26
N ASP D 163 -8.32 5.52 19.77
CA ASP D 163 -7.99 5.71 21.15
C ASP D 163 -8.54 4.70 22.14
N PHE D 164 -8.64 3.43 21.80
CA PHE D 164 -9.15 2.42 22.71
C PHE D 164 -10.59 2.66 23.16
N ASP D 165 -11.39 3.35 22.36
CA ASP D 165 -12.75 3.74 22.70
C ASP D 165 -13.75 3.13 21.74
N ARG D 166 -14.91 2.72 22.25
CA ARG D 166 -15.91 2.12 21.38
C ARG D 166 -16.55 3.15 20.46
N ILE D 167 -16.90 4.33 20.94
CA ILE D 167 -17.51 5.33 20.06
C ILE D 167 -16.55 5.80 18.97
N LYS D 168 -15.29 6.07 19.33
CA LYS D 168 -14.31 6.47 18.33
C LYS D 168 -14.06 5.30 17.38
N GLY D 169 -14.03 4.08 17.91
CA GLY D 169 -13.84 2.88 17.10
C GLY D 169 -14.91 2.79 16.01
N LEU D 170 -16.15 3.03 16.42
CA LEU D 170 -17.31 3.06 15.53
C LEU D 170 -17.14 4.13 14.46
N ASN D 171 -16.94 5.38 14.89
CA ASN D 171 -16.81 6.49 13.94
C ASN D 171 -15.62 6.36 13.01
N VAL D 172 -14.46 5.96 13.52
CA VAL D 172 -13.28 5.76 12.67
C VAL D 172 -13.51 4.64 11.66
N MET D 173 -14.05 3.51 12.10
CA MET D 173 -14.35 2.39 11.20
C MET D 173 -15.33 2.80 10.13
N GLN D 174 -16.38 3.54 10.50
CA GLN D 174 -17.35 4.08 9.56
C GLN D 174 -16.67 4.88 8.45
N ASN D 175 -15.83 5.81 8.85
CA ASN D 175 -15.01 6.66 7.99
C ASN D 175 -14.11 5.85 7.07
N LEU D 176 -13.38 4.87 7.60
CA LEU D 176 -12.46 4.04 6.85
C LEU D 176 -13.16 3.06 5.92
N LEU D 177 -14.32 2.57 6.35
CA LEU D 177 -15.14 1.68 5.55
C LEU D 177 -15.56 2.30 4.23
N THR D 178 -16.08 3.53 4.27
CA THR D 178 -16.51 4.20 3.04
C THR D 178 -15.31 4.51 2.15
N ALA D 179 -14.17 4.88 2.75
CA ALA D 179 -12.95 5.17 2.00
C ALA D 179 -12.25 3.94 1.45
N HIS D 180 -12.40 2.78 2.10
CA HIS D 180 -11.77 1.53 1.72
C HIS D 180 -12.76 0.39 1.87
N PRO D 181 -13.67 0.27 0.90
CA PRO D 181 -14.71 -0.74 0.92
C PRO D 181 -14.24 -2.14 0.61
N ASP D 182 -13.04 -2.28 0.08
CA ASP D 182 -12.41 -3.54 -0.24
C ASP D 182 -11.68 -4.19 0.95
N VAL D 183 -11.90 -3.70 2.16
CA VAL D 183 -11.27 -4.24 3.36
C VAL D 183 -11.79 -5.65 3.64
N GLN D 184 -10.88 -6.60 3.90
CA GLN D 184 -11.30 -7.96 4.18
C GLN D 184 -11.28 -8.28 5.68
N ALA D 185 -10.45 -7.58 6.45
CA ALA D 185 -10.35 -7.86 7.87
C ALA D 185 -9.85 -6.65 8.65
N VAL D 186 -10.27 -6.60 9.92
CA VAL D 186 -9.90 -5.50 10.79
C VAL D 186 -9.19 -6.05 12.02
N PHE D 187 -8.15 -5.37 12.48
CA PHE D 187 -7.49 -5.71 13.71
C PHE D 187 -7.62 -4.45 14.58
N ALA D 188 -8.36 -4.58 15.67
CA ALA D 188 -8.55 -3.47 16.60
C ALA D 188 -7.70 -3.77 17.83
N GLN D 189 -6.96 -2.79 18.34
CA GLN D 189 -6.07 -3.01 19.47
C GLN D 189 -6.70 -3.15 20.84
N ASN D 190 -8.02 -3.20 20.92
CA ASN D 190 -8.77 -3.50 22.12
C ASN D 190 -10.20 -3.89 21.72
N ASP D 191 -10.88 -4.60 22.62
CA ASP D 191 -12.24 -5.04 22.36
C ASP D 191 -13.19 -3.87 22.18
N GLU D 192 -13.02 -2.79 22.94
CA GLU D 192 -13.90 -1.63 22.78
C GLU D 192 -13.91 -1.18 21.33
N MET D 193 -12.72 -0.92 20.78
CA MET D 193 -12.61 -0.52 19.39
C MET D 193 -13.14 -1.61 18.48
N ALA D 194 -12.85 -2.88 18.73
CA ALA D 194 -13.37 -3.96 17.91
C ALA D 194 -14.89 -3.98 17.87
N LEU D 195 -15.51 -3.85 19.05
CA LEU D 195 -16.97 -3.82 19.16
C LEU D 195 -17.51 -2.59 18.44
N GLY D 196 -16.90 -1.43 18.66
CA GLY D 196 -17.27 -0.22 17.94
C GLY D 196 -17.20 -0.49 16.44
N ALA D 197 -16.09 -1.06 15.96
CA ALA D 197 -15.93 -1.38 14.55
C ALA D 197 -16.98 -2.37 14.06
N LEU D 198 -17.33 -3.35 14.89
CA LEU D 198 -18.36 -4.33 14.56
C LEU D 198 -19.70 -3.65 14.31
N ARG D 199 -20.05 -2.73 15.21
CA ARG D 199 -21.29 -1.93 15.10
C ARG D 199 -21.27 -1.17 13.78
N ALA D 200 -20.17 -0.51 13.46
CA ALA D 200 -20.03 0.21 12.20
C ALA D 200 -20.24 -0.69 10.99
N LEU D 201 -19.61 -1.86 10.96
CA LEU D 201 -19.75 -2.79 9.85
C LEU D 201 -21.16 -3.37 9.74
N GLN D 202 -21.80 -3.63 10.87
CA GLN D 202 -23.17 -4.14 10.90
C GLN D 202 -24.12 -3.14 10.25
N THR D 203 -23.97 -1.87 10.57
CA THR D 203 -24.75 -0.76 10.02
C THR D 203 -24.57 -0.58 8.52
N ALA D 204 -23.40 -0.88 7.97
CA ALA D 204 -23.15 -0.76 6.55
C ALA D 204 -23.45 -2.04 5.79
N GLY D 205 -23.85 -3.09 6.52
CA GLY D 205 -24.19 -4.37 5.91
C GLY D 205 -22.95 -5.15 5.50
N LYS D 206 -21.90 -5.04 6.31
CA LYS D 206 -20.65 -5.74 6.04
C LYS D 206 -20.18 -6.56 7.23
N SER D 207 -20.91 -7.64 7.53
CA SER D 207 -20.54 -8.52 8.64
C SER D 207 -19.71 -9.70 8.14
N ASP D 208 -19.35 -9.66 6.86
CA ASP D 208 -18.49 -10.64 6.21
C ASP D 208 -17.02 -10.27 6.37
N VAL D 209 -16.77 -9.07 6.87
CA VAL D 209 -15.44 -8.55 7.15
C VAL D 209 -15.07 -8.96 8.57
N MET D 210 -14.12 -9.87 8.74
CA MET D 210 -13.78 -10.34 10.07
C MET D 210 -13.12 -9.25 10.91
N VAL D 211 -13.46 -9.25 12.19
CA VAL D 211 -12.88 -8.31 13.14
C VAL D 211 -12.20 -9.12 14.25
N VAL D 212 -10.96 -8.75 14.59
CA VAL D 212 -10.21 -9.40 15.66
C VAL D 212 -9.92 -8.33 16.71
N GLY D 213 -10.28 -8.54 17.96
CA GLY D 213 -10.03 -7.56 19.01
C GLY D 213 -8.81 -7.91 19.85
N PHE D 214 -8.78 -7.41 21.08
CA PHE D 214 -7.68 -7.65 22.00
C PHE D 214 -8.10 -7.28 23.42
N ASP D 215 -7.77 -8.07 24.42
CA ASP D 215 -8.00 -7.81 25.84
C ASP D 215 -8.73 -8.97 26.52
N GLY D 216 -9.66 -9.60 25.83
CA GLY D 216 -10.43 -10.71 26.35
C GLY D 216 -11.44 -10.28 27.42
N THR D 217 -12.04 -9.10 27.25
CA THR D 217 -13.02 -8.55 28.16
C THR D 217 -14.32 -9.35 28.10
N PRO D 218 -15.16 -9.20 29.12
CA PRO D 218 -16.46 -9.85 29.18
C PRO D 218 -17.27 -9.57 27.92
N ASP D 219 -17.33 -8.30 27.52
CA ASP D 219 -18.05 -7.91 26.31
C ASP D 219 -17.40 -8.49 25.06
N GLY D 220 -16.07 -8.46 25.00
CA GLY D 220 -15.32 -9.00 23.87
C GLY D 220 -15.53 -10.50 23.71
N GLU D 221 -15.31 -11.24 24.79
CA GLU D 221 -15.49 -12.70 24.77
C GLU D 221 -16.93 -13.08 24.50
N LYS D 222 -17.89 -12.32 25.03
CA LYS D 222 -19.30 -12.55 24.73
C LYS D 222 -19.53 -12.45 23.23
N ALA D 223 -18.99 -11.41 22.61
CA ALA D 223 -19.12 -11.17 21.18
C ALA D 223 -18.58 -12.32 20.34
N VAL D 224 -17.50 -12.93 20.79
CA VAL D 224 -16.90 -14.08 20.10
C VAL D 224 -17.82 -15.29 20.20
N ASN D 225 -18.40 -15.53 21.37
CA ASN D 225 -19.31 -16.65 21.58
C ASN D 225 -20.58 -16.53 20.75
N ASP D 226 -21.04 -15.30 20.52
CA ASP D 226 -22.22 -15.05 19.72
C ASP D 226 -21.97 -15.18 18.22
N GLY D 227 -20.72 -15.28 17.80
CA GLY D 227 -20.38 -15.39 16.39
C GLY D 227 -20.30 -14.01 15.73
N LYS D 228 -20.15 -12.96 16.52
CA LYS D 228 -20.05 -11.60 15.97
C LYS D 228 -18.58 -11.22 15.77
N LEU D 229 -17.81 -11.32 16.84
CA LEU D 229 -16.39 -11.05 16.86
C LEU D 229 -15.62 -12.31 16.42
N ALA D 230 -14.79 -12.23 15.39
CA ALA D 230 -14.05 -13.40 14.94
C ALA D 230 -13.11 -13.94 16.01
N ALA D 231 -12.50 -13.05 16.80
CA ALA D 231 -11.61 -13.50 17.85
C ALA D 231 -11.20 -12.35 18.76
N THR D 232 -10.53 -12.71 19.86
CA THR D 232 -9.94 -11.73 20.76
C THR D 232 -8.70 -12.37 21.38
N ILE D 233 -7.86 -11.53 21.94
CA ILE D 233 -6.62 -11.96 22.58
C ILE D 233 -6.78 -11.77 24.10
N ALA D 234 -6.90 -12.85 24.87
CA ALA D 234 -7.08 -12.70 26.31
C ALA D 234 -5.76 -12.67 27.05
N GLN D 235 -5.65 -11.75 28.00
CA GLN D 235 -4.45 -11.62 28.81
C GLN D 235 -4.50 -12.64 29.95
N LEU D 236 -3.37 -12.91 30.61
CA LEU D 236 -3.28 -13.84 31.73
C LEU D 236 -2.71 -13.12 32.94
N PRO D 237 -3.55 -12.32 33.60
CA PRO D 237 -3.19 -11.52 34.73
C PRO D 237 -2.60 -12.28 35.89
N ASP D 238 -3.10 -13.49 36.15
CA ASP D 238 -2.55 -14.34 37.19
C ASP D 238 -1.09 -14.64 36.92
N GLN D 239 -0.73 -14.90 35.66
CA GLN D 239 0.65 -15.16 35.26
C GLN D 239 1.51 -13.93 35.42
N ILE D 240 0.99 -12.71 35.26
CA ILE D 240 1.76 -11.50 35.54
C ILE D 240 2.10 -11.45 37.02
N GLY D 241 1.13 -11.74 37.89
CA GLY D 241 1.38 -11.72 39.33
C GLY D 241 2.39 -12.80 39.71
N ALA D 242 2.19 -14.00 39.19
CA ALA D 242 3.08 -15.11 39.45
C ALA D 242 4.51 -14.79 39.01
N LYS D 243 4.69 -14.36 37.76
CA LYS D 243 6.01 -14.04 37.23
C LYS D 243 6.69 -12.93 38.01
N GLY D 244 5.90 -11.96 38.48
CA GLY D 244 6.41 -10.88 39.30
C GLY D 244 6.99 -11.42 40.60
N VAL D 245 6.25 -12.31 41.27
CA VAL D 245 6.74 -12.87 42.54
C VAL D 245 8.01 -13.67 42.30
N GLU D 246 8.05 -14.46 41.24
CA GLU D 246 9.21 -15.27 40.90
C GLU D 246 10.43 -14.42 40.57
N THR D 247 10.23 -13.31 39.87
CA THR D 247 11.31 -12.37 39.58
C THR D 247 11.78 -11.70 40.86
N ALA D 248 10.86 -11.42 41.79
CA ALA D 248 11.27 -10.87 43.08
C ALA D 248 12.19 -11.87 43.78
N ASP D 249 11.81 -13.13 43.79
CA ASP D 249 12.53 -14.24 44.38
C ASP D 249 13.93 -14.36 43.79
N LYS D 250 14.01 -14.34 42.46
CA LYS D 250 15.33 -14.37 41.81
C LYS D 250 16.15 -13.17 42.21
N VAL D 251 15.61 -11.97 42.34
CA VAL D 251 16.35 -10.82 42.86
C VAL D 251 16.82 -11.07 44.28
N LEU D 252 15.96 -11.63 45.14
CA LEU D 252 16.34 -11.92 46.52
C LEU D 252 17.40 -13.01 46.69
N LYS D 253 17.58 -13.87 45.70
CA LYS D 253 18.58 -14.93 45.71
C LYS D 253 19.90 -14.49 45.10
N GLY D 254 20.09 -13.18 44.91
CA GLY D 254 21.31 -12.62 44.38
C GLY D 254 21.50 -12.77 42.87
N GLU D 255 20.42 -13.01 42.15
CA GLU D 255 20.48 -13.16 40.70
C GLU D 255 20.21 -11.85 39.97
N LYS D 256 20.73 -11.75 38.75
CA LYS D 256 20.48 -10.55 37.95
C LYS D 256 19.31 -10.92 37.03
N VAL D 257 18.29 -10.07 37.01
CA VAL D 257 17.09 -10.35 36.23
C VAL D 257 17.00 -9.55 34.93
N GLN D 258 16.25 -10.05 33.95
CA GLN D 258 16.06 -9.29 32.73
C GLN D 258 15.21 -8.05 33.05
N ALA D 259 15.28 -7.05 32.18
CA ALA D 259 14.53 -5.81 32.34
C ALA D 259 13.03 -6.05 32.16
N LYS D 260 12.67 -6.95 31.24
CA LYS D 260 11.29 -7.28 30.96
C LYS D 260 11.10 -8.78 30.85
N TYR D 261 9.92 -9.25 31.24
CA TYR D 261 9.56 -10.66 31.12
C TYR D 261 8.13 -10.73 30.57
N PRO D 262 7.99 -10.58 29.26
CA PRO D 262 6.68 -10.54 28.62
C PRO D 262 5.89 -11.82 28.85
N VAL D 263 4.70 -11.69 29.44
CA VAL D 263 3.87 -12.84 29.78
C VAL D 263 3.06 -13.31 28.58
N ASP D 264 2.89 -14.63 28.43
CA ASP D 264 2.13 -15.18 27.32
C ASP D 264 0.65 -14.83 27.36
N LEU D 265 -0.08 -14.98 26.27
CA LEU D 265 -1.49 -14.68 26.18
C LEU D 265 -2.16 -15.68 25.22
N LYS D 266 -3.50 -15.72 25.21
CA LYS D 266 -4.16 -16.71 24.38
C LYS D 266 -5.18 -16.17 23.39
N LEU D 267 -5.24 -16.88 22.26
CA LEU D 267 -6.17 -16.57 21.19
C LEU D 267 -7.53 -17.19 21.56
N VAL D 268 -8.56 -16.35 21.58
CA VAL D 268 -9.90 -16.80 21.93
C VAL D 268 -10.80 -16.83 20.71
N VAL D 269 -11.19 -18.02 20.27
CA VAL D 269 -12.07 -18.17 19.12
C VAL D 269 -13.33 -18.91 19.56
N LYS D 270 -14.29 -19.03 18.67
CA LYS D 270 -15.54 -19.73 19.02
C LYS D 270 -15.27 -21.22 19.11
N GLN D 271 -15.48 -21.82 20.28
CA GLN D 271 -15.27 -23.22 20.58
C GLN D 271 -13.99 -23.46 21.40
#